data_1GXF
#
_entry.id   1GXF
#
_cell.length_a   93.100
_cell.length_b   93.100
_cell.length_c   156.600
_cell.angle_alpha   90.00
_cell.angle_beta   90.00
_cell.angle_gamma   90.00
#
_symmetry.space_group_name_H-M   'P 43'
#
loop_
_entity.id
_entity.type
_entity.pdbx_description
1 polymer 'TRYPANOTHIONE REDUCTASE (OXIDIZED FORM)'
2 non-polymer 'FLAVIN-ADENINE DINUCLEOTIDE'
3 non-polymer 'MALEIC ACID'
4 non-polymer 'QUINACRINE MUSTARD'
5 water water
#
_entity_poly.entity_id   1
_entity_poly.type   'polypeptide(L)'
_entity_poly.pdbx_seq_one_letter_code
;MMSKIFDLVVIGAGSGGLEAAWNAATLYKKRVAVIDVQMVHGPPFFSALGGTCVNVGCVPKKLMVTGAQYMEHLRESAGF
GWEFDRTTLRAEWKNLIAVKDEAVLNINKSYDEMFRDTEGLEFFLGWGSLESKNVVNVRESADPASAVKERLETEHILLA
SGSWPHMPNIPGIEHCISSNEAFYLPEPPRRVLTVGGGFISVEFAGIFNAYKPKDGQVTLCYRGEMILRGFDHTLREELT
KQLTANGIQILTKENPAKVELNADGSKSVTFESGKKMDFDLVMMAIGRSPRTKDLQLQNAGVMIKNGGVQVDEYSRTNVS
NIYAIGDVTNRVMLTPVAINEAAALVDTVFGTTPRKTDHTRVASAVFSIPPIGTCGLIEEVASKRYEVVAVYLSSFTPLM
HKVSGSKYKTFVAKIITNHSDGTVLGVHLLGDNAPEIIQGIGICLKLNAKISDFYNTIGVHPTSAEELCSMRTPSYYYVK
GEKMEKPSEASL
;
_entity_poly.pdbx_strand_id   A,B
#
# COMPACT_ATOMS: atom_id res chain seq x y z
N LYS A 4 -33.32 24.26 29.61
CA LYS A 4 -32.46 23.63 28.61
C LYS A 4 -32.18 22.18 28.92
N ILE A 5 -33.12 21.34 28.52
CA ILE A 5 -33.18 19.91 28.67
C ILE A 5 -32.14 19.12 27.89
N PHE A 6 -31.16 19.77 27.29
CA PHE A 6 -30.10 19.12 26.55
C PHE A 6 -28.85 20.01 26.65
N ASP A 7 -27.70 19.37 26.79
CA ASP A 7 -26.45 20.13 26.88
C ASP A 7 -26.05 20.48 25.45
N LEU A 8 -26.21 19.48 24.58
CA LEU A 8 -25.85 19.63 23.18
C LEU A 8 -26.88 19.09 22.19
N VAL A 9 -27.05 19.78 21.07
CA VAL A 9 -27.96 19.35 20.03
C VAL A 9 -27.16 19.40 18.71
N VAL A 10 -27.06 18.23 18.10
CA VAL A 10 -26.34 18.11 16.84
C VAL A 10 -27.33 17.92 15.70
N ILE A 11 -27.29 18.80 14.71
CA ILE A 11 -28.18 18.66 13.55
C ILE A 11 -27.36 17.90 12.50
N GLY A 12 -27.64 16.62 12.30
CA GLY A 12 -26.90 15.82 11.33
C GLY A 12 -26.21 14.64 12.02
N ALA A 13 -26.45 13.43 11.52
CA ALA A 13 -25.86 12.25 12.14
C ALA A 13 -24.81 11.60 11.25
N GLY A 14 -24.01 12.47 10.63
CA GLY A 14 -22.94 12.00 9.76
C GLY A 14 -21.69 11.75 10.60
N SER A 15 -20.55 11.80 9.90
CA SER A 15 -19.26 11.57 10.52
C SER A 15 -18.93 12.57 11.62
N GLY A 16 -18.96 13.87 11.32
CA GLY A 16 -18.65 14.88 12.33
C GLY A 16 -19.62 14.85 13.51
N GLY A 17 -20.91 14.90 13.20
CA GLY A 17 -21.97 14.88 14.18
C GLY A 17 -21.89 13.66 15.09
N LEU A 18 -21.86 12.46 14.54
CA LEU A 18 -21.78 11.26 15.37
C LEU A 18 -20.57 11.29 16.28
N GLU A 19 -19.39 11.61 15.74
CA GLU A 19 -18.18 11.68 16.53
C GLU A 19 -18.37 12.66 17.68
N ALA A 20 -18.90 13.85 17.37
CA ALA A 20 -19.13 14.85 18.40
C ALA A 20 -20.13 14.34 19.43
N ALA A 21 -21.26 13.81 18.96
CA ALA A 21 -22.27 13.29 19.88
C ALA A 21 -21.58 12.34 20.85
N TRP A 22 -21.17 11.19 20.32
CA TRP A 22 -20.48 10.16 21.03
C TRP A 22 -19.47 10.64 22.06
N ASN A 23 -18.54 11.50 21.65
CA ASN A 23 -17.51 12.03 22.53
C ASN A 23 -18.08 12.85 23.69
N ALA A 24 -19.14 13.62 23.41
CA ALA A 24 -19.75 14.45 24.44
C ALA A 24 -20.46 13.63 25.51
N ALA A 25 -21.19 12.60 25.11
CA ALA A 25 -21.92 11.75 26.04
C ALA A 25 -21.05 10.76 26.80
N THR A 26 -19.96 10.31 26.20
CA THR A 26 -19.07 9.33 26.80
C THR A 26 -17.93 9.84 27.64
N LEU A 27 -17.16 10.81 27.15
CA LEU A 27 -16.03 11.35 27.88
C LEU A 27 -16.45 12.47 28.84
N TYR A 28 -17.53 13.15 28.49
CA TYR A 28 -17.98 14.28 29.30
C TYR A 28 -19.31 14.12 29.98
N LYS A 29 -19.98 12.99 29.83
CA LYS A 29 -21.26 12.75 30.46
C LYS A 29 -22.22 13.92 30.28
N LYS A 30 -22.51 14.24 29.02
CA LYS A 30 -23.42 15.33 28.72
C LYS A 30 -24.67 14.71 28.08
N ARG A 31 -25.82 15.33 28.21
CA ARG A 31 -27.03 14.78 27.59
C ARG A 31 -27.03 15.30 26.15
N VAL A 32 -26.85 14.41 25.18
CA VAL A 32 -26.80 14.82 23.79
C VAL A 32 -28.00 14.40 22.96
N ALA A 33 -28.45 15.32 22.11
CA ALA A 33 -29.59 15.07 21.22
C ALA A 33 -29.00 15.11 19.80
N VAL A 34 -29.38 14.16 18.98
CA VAL A 34 -28.88 14.10 17.60
C VAL A 34 -30.05 13.97 16.64
N ILE A 35 -30.04 14.73 15.56
CA ILE A 35 -31.14 14.69 14.58
C ILE A 35 -30.67 14.32 13.18
N ASP A 36 -31.45 13.56 12.44
CA ASP A 36 -31.17 13.16 11.07
C ASP A 36 -32.50 12.83 10.42
N VAL A 37 -32.62 12.94 9.11
CA VAL A 37 -33.87 12.71 8.41
C VAL A 37 -34.30 11.33 8.00
N GLN A 38 -33.48 10.31 8.19
CA GLN A 38 -33.82 8.94 7.80
C GLN A 38 -32.97 8.00 8.66
N MET A 39 -33.44 6.79 8.91
CA MET A 39 -32.67 5.83 9.69
C MET A 39 -31.83 4.94 8.77
N VAL A 40 -32.36 4.62 7.60
CA VAL A 40 -31.65 3.76 6.67
C VAL A 40 -31.49 4.40 5.30
N HIS A 41 -30.35 4.11 4.68
CA HIS A 41 -29.99 4.63 3.37
C HIS A 41 -31.05 4.51 2.30
N GLY A 42 -30.79 5.22 1.20
CA GLY A 42 -31.66 5.23 0.03
C GLY A 42 -32.62 6.38 -0.10
N PRO A 43 -33.30 6.45 -1.24
CA PRO A 43 -34.29 7.48 -1.53
C PRO A 43 -35.37 7.41 -0.46
N PRO A 44 -36.07 8.50 -0.23
CA PRO A 44 -35.90 9.73 -0.95
C PRO A 44 -34.82 10.73 -0.54
N PHE A 45 -34.30 10.68 0.68
CA PHE A 45 -33.29 11.63 1.11
C PHE A 45 -31.85 11.20 0.97
N PHE A 46 -31.61 9.97 0.56
CA PHE A 46 -30.30 9.39 0.35
C PHE A 46 -29.46 9.26 1.59
N SER A 47 -29.21 10.34 2.29
CA SER A 47 -28.43 10.29 3.53
C SER A 47 -29.33 9.76 4.65
N ALA A 48 -28.69 9.32 5.72
CA ALA A 48 -29.41 8.80 6.88
C ALA A 48 -28.43 8.74 8.07
N LEU A 49 -28.83 7.97 9.05
CA LEU A 49 -28.00 7.73 10.24
C LEU A 49 -26.67 7.23 9.66
N GLY A 50 -25.54 7.88 9.89
CA GLY A 50 -24.29 7.40 9.30
C GLY A 50 -23.66 8.48 8.43
N GLY A 51 -24.50 9.29 7.79
CA GLY A 51 -24.06 10.36 6.93
C GLY A 51 -23.58 9.95 5.55
N THR A 52 -23.03 10.90 4.80
CA THR A 52 -22.53 10.65 3.46
C THR A 52 -21.51 9.54 3.37
N CYS A 53 -20.52 9.49 4.27
CA CYS A 53 -19.52 8.44 4.23
C CYS A 53 -20.16 7.06 4.23
N VAL A 54 -21.09 6.87 5.15
CA VAL A 54 -21.78 5.59 5.25
C VAL A 54 -22.74 5.27 4.12
N ASN A 55 -23.70 6.14 3.82
CA ASN A 55 -24.71 5.90 2.82
C ASN A 55 -24.57 6.18 1.35
N VAL A 56 -23.90 7.25 0.97
CA VAL A 56 -23.73 7.65 -0.43
C VAL A 56 -22.33 8.25 -0.62
N GLY A 57 -21.34 7.72 0.09
CA GLY A 57 -19.99 8.24 -0.03
C GLY A 57 -18.90 7.18 -0.03
N CYS A 58 -17.94 7.41 0.85
CA CYS A 58 -16.78 6.59 1.07
C CYS A 58 -17.01 5.09 1.03
N VAL A 59 -17.88 4.60 1.90
CA VAL A 59 -18.14 3.16 1.96
C VAL A 59 -18.61 2.56 0.65
N PRO A 60 -19.78 2.93 0.16
CA PRO A 60 -20.29 2.42 -1.10
C PRO A 60 -19.34 2.67 -2.26
N LYS A 61 -18.69 3.83 -2.37
CA LYS A 61 -17.79 4.04 -3.49
C LYS A 61 -16.57 3.13 -3.43
N LYS A 62 -16.10 2.76 -2.24
CA LYS A 62 -14.93 1.86 -2.17
C LYS A 62 -15.36 0.45 -2.58
N LEU A 63 -16.54 0.01 -2.18
CA LEU A 63 -17.03 -1.31 -2.54
C LEU A 63 -17.12 -1.39 -4.07
N MET A 64 -17.77 -0.36 -4.62
CA MET A 64 -17.96 -0.27 -6.07
C MET A 64 -16.66 -0.17 -6.82
N VAL A 65 -15.72 0.68 -6.42
CA VAL A 65 -14.43 0.77 -7.11
C VAL A 65 -13.74 -0.59 -6.96
N THR A 66 -13.81 -1.15 -5.75
CA THR A 66 -13.19 -2.47 -5.54
C THR A 66 -13.74 -3.37 -6.65
N GLY A 67 -15.06 -3.42 -6.81
CA GLY A 67 -15.66 -4.23 -7.87
C GLY A 67 -15.10 -3.85 -9.24
N ALA A 68 -15.03 -2.55 -9.57
CA ALA A 68 -14.49 -2.16 -10.87
C ALA A 68 -13.08 -2.67 -11.13
N GLN A 69 -12.24 -2.82 -10.12
CA GLN A 69 -10.87 -3.28 -10.29
C GLN A 69 -10.80 -4.70 -10.83
N TYR A 70 -11.76 -5.56 -10.48
CA TYR A 70 -11.72 -6.93 -10.96
C TYR A 70 -11.60 -7.03 -12.47
N MET A 71 -12.13 -6.03 -13.16
CA MET A 71 -12.02 -6.04 -14.61
C MET A 71 -10.52 -6.05 -14.94
N GLU A 72 -9.72 -5.27 -14.22
CA GLU A 72 -8.29 -5.23 -14.50
C GLU A 72 -7.58 -6.55 -14.18
N HIS A 73 -7.88 -7.09 -13.00
CA HIS A 73 -7.27 -8.34 -12.57
C HIS A 73 -7.67 -9.47 -13.53
N LEU A 74 -8.95 -9.46 -13.93
CA LEU A 74 -9.43 -10.50 -14.83
C LEU A 74 -8.71 -10.42 -16.17
N ARG A 75 -8.43 -9.19 -16.61
CA ARG A 75 -7.72 -9.01 -17.87
C ARG A 75 -6.25 -9.37 -17.71
N GLU A 76 -5.58 -8.82 -16.71
CA GLU A 76 -4.17 -9.08 -16.46
C GLU A 76 -3.81 -10.48 -16.02
N SER A 77 -4.75 -11.26 -15.48
CA SER A 77 -4.43 -12.60 -15.04
C SER A 77 -3.80 -13.39 -16.18
N ALA A 78 -4.31 -13.19 -17.39
CA ALA A 78 -3.78 -13.89 -18.55
C ALA A 78 -2.26 -13.85 -18.65
N GLY A 79 -1.62 -12.75 -18.28
CA GLY A 79 -0.19 -12.61 -18.37
C GLY A 79 0.65 -13.55 -17.53
N PHE A 80 0.07 -14.11 -16.47
CA PHE A 80 0.77 -15.00 -15.57
C PHE A 80 0.35 -16.45 -15.73
N GLY A 81 -0.36 -16.79 -16.80
CA GLY A 81 -0.79 -18.16 -17.04
C GLY A 81 -2.19 -18.52 -16.62
N TRP A 82 -3.05 -17.52 -16.37
CA TRP A 82 -4.41 -17.84 -15.95
C TRP A 82 -5.35 -17.81 -17.15
N GLU A 83 -6.01 -18.93 -17.42
CA GLU A 83 -6.92 -19.04 -18.54
C GLU A 83 -8.29 -19.57 -18.12
N PHE A 84 -9.30 -19.15 -18.86
CA PHE A 84 -10.68 -19.55 -18.65
C PHE A 84 -11.43 -19.12 -19.90
N ASP A 85 -12.72 -19.40 -20.05
CA ASP A 85 -13.41 -18.98 -21.27
C ASP A 85 -13.83 -17.52 -21.20
N ARG A 86 -12.94 -16.62 -21.58
CA ARG A 86 -13.20 -15.19 -21.54
C ARG A 86 -14.52 -14.76 -22.16
N THR A 87 -15.05 -15.52 -23.11
CA THR A 87 -16.31 -15.19 -23.75
C THR A 87 -17.50 -15.41 -22.82
N THR A 88 -17.29 -16.06 -21.67
CA THR A 88 -18.37 -16.29 -20.73
C THR A 88 -18.37 -15.22 -19.62
N LEU A 89 -17.47 -14.25 -19.74
CA LEU A 89 -17.32 -13.19 -18.77
C LEU A 89 -18.32 -12.05 -18.76
N ARG A 90 -19.07 -11.89 -17.66
CA ARG A 90 -20.04 -10.81 -17.56
C ARG A 90 -20.07 -10.18 -16.18
N ALA A 91 -20.44 -8.90 -16.11
CA ALA A 91 -20.49 -8.19 -14.83
C ALA A 91 -21.95 -8.01 -14.43
N GLU A 92 -22.30 -8.40 -13.20
CA GLU A 92 -23.67 -8.24 -12.76
C GLU A 92 -23.84 -7.02 -11.86
N TRP A 93 -24.10 -5.89 -12.51
CA TRP A 93 -24.31 -4.63 -11.81
C TRP A 93 -25.31 -4.86 -10.66
N LYS A 94 -26.34 -5.65 -10.93
CA LYS A 94 -27.36 -5.91 -9.92
C LYS A 94 -26.84 -6.60 -8.68
N ASN A 95 -25.81 -7.43 -8.81
CA ASN A 95 -25.24 -8.12 -7.65
C ASN A 95 -24.50 -7.06 -6.82
N LEU A 96 -23.65 -6.28 -7.50
CA LEU A 96 -22.87 -5.25 -6.86
C LEU A 96 -23.75 -4.34 -6.00
N ILE A 97 -24.89 -3.97 -6.59
CA ILE A 97 -25.83 -3.11 -5.90
C ILE A 97 -26.46 -3.85 -4.73
N ALA A 98 -26.73 -5.15 -4.98
CA ALA A 98 -27.32 -5.98 -3.95
C ALA A 98 -26.38 -6.10 -2.76
N VAL A 99 -25.11 -6.46 -2.90
CA VAL A 99 -24.26 -6.52 -1.72
C VAL A 99 -23.94 -5.15 -1.14
N LYS A 100 -23.87 -4.12 -1.99
CA LYS A 100 -23.59 -2.78 -1.47
C LYS A 100 -24.67 -2.41 -0.45
N ASP A 101 -25.93 -2.61 -0.82
CA ASP A 101 -27.03 -2.30 0.08
C ASP A 101 -27.00 -3.09 1.38
N GLU A 102 -26.65 -4.37 1.36
CA GLU A 102 -26.58 -5.14 2.59
C GLU A 102 -25.53 -4.59 3.54
N ALA A 103 -24.35 -4.28 3.01
CA ALA A 103 -23.26 -3.74 3.82
C ALA A 103 -23.67 -2.40 4.46
N VAL A 104 -24.24 -1.53 3.65
CA VAL A 104 -24.66 -0.22 4.14
C VAL A 104 -25.75 -0.38 5.20
N LEU A 105 -26.75 -1.19 4.91
CA LEU A 105 -27.86 -1.45 5.82
C LEU A 105 -27.36 -1.90 7.19
N ASN A 106 -26.45 -2.86 7.19
CA ASN A 106 -25.87 -3.38 8.43
C ASN A 106 -25.23 -2.29 9.27
N ILE A 107 -24.61 -1.29 8.64
CA ILE A 107 -23.97 -0.21 9.38
C ILE A 107 -25.05 0.73 9.93
N ASN A 108 -26.06 1.00 9.11
CA ASN A 108 -27.15 1.86 9.57
C ASN A 108 -27.73 1.21 10.85
N LYS A 109 -27.88 -0.11 10.79
CA LYS A 109 -28.43 -0.86 11.92
C LYS A 109 -27.54 -0.79 13.15
N SER A 110 -26.24 -0.96 12.93
CA SER A 110 -25.25 -0.92 14.00
C SER A 110 -25.27 0.44 14.70
N TYR A 111 -25.59 1.47 13.92
CA TYR A 111 -25.67 2.84 14.42
C TYR A 111 -26.88 3.01 15.35
N ASP A 112 -28.02 2.50 14.91
CA ASP A 112 -29.26 2.58 15.69
C ASP A 112 -29.07 1.93 17.06
N GLU A 113 -28.53 0.72 17.01
CA GLU A 113 -28.26 -0.06 18.22
C GLU A 113 -27.41 0.76 19.17
N MET A 114 -26.40 1.46 18.64
CA MET A 114 -25.55 2.30 19.45
C MET A 114 -26.32 3.35 20.24
N PHE A 115 -27.33 3.97 19.62
CA PHE A 115 -28.09 4.97 20.35
C PHE A 115 -28.81 4.29 21.51
N ARG A 116 -29.28 3.07 21.30
CA ARG A 116 -29.98 2.35 22.36
C ARG A 116 -29.10 2.12 23.58
N ASP A 117 -27.98 1.45 23.38
CA ASP A 117 -27.05 1.14 24.45
C ASP A 117 -26.24 2.30 25.00
N THR A 118 -26.40 3.51 24.48
CA THR A 118 -25.61 4.61 25.02
C THR A 118 -26.50 5.60 25.75
N GLU A 119 -26.21 5.73 27.05
CA GLU A 119 -26.94 6.62 27.93
C GLU A 119 -26.48 8.06 27.72
N GLY A 120 -27.45 8.96 27.61
CA GLY A 120 -27.16 10.37 27.40
C GLY A 120 -27.13 10.71 25.92
N LEU A 121 -27.36 9.71 25.08
CA LEU A 121 -27.37 9.92 23.63
C LEU A 121 -28.78 9.59 23.16
N GLU A 122 -29.46 10.56 22.57
CA GLU A 122 -30.83 10.32 22.08
C GLU A 122 -30.92 10.69 20.61
N PHE A 123 -31.62 9.87 19.83
CA PHE A 123 -31.79 10.12 18.41
C PHE A 123 -33.19 10.64 18.08
N PHE A 124 -33.28 11.66 17.25
CA PHE A 124 -34.55 12.24 16.84
C PHE A 124 -34.66 12.27 15.31
N LEU A 125 -35.70 11.62 14.81
CA LEU A 125 -35.95 11.55 13.38
C LEU A 125 -36.71 12.76 12.87
N GLY A 126 -36.17 13.44 11.87
CA GLY A 126 -36.83 14.60 11.29
C GLY A 126 -35.88 15.69 10.83
N TRP A 127 -36.47 16.78 10.39
CA TRP A 127 -35.71 17.94 9.91
C TRP A 127 -35.45 18.90 11.06
N GLY A 128 -34.19 19.25 11.24
CA GLY A 128 -33.79 20.15 12.32
C GLY A 128 -33.56 21.57 11.84
N SER A 129 -33.93 22.50 12.70
CA SER A 129 -33.77 23.92 12.44
C SER A 129 -33.78 24.69 13.76
N LEU A 130 -33.20 25.89 13.69
CA LEU A 130 -33.11 26.76 14.84
C LEU A 130 -34.35 27.64 14.96
N GLU A 131 -34.85 27.76 16.18
CA GLU A 131 -36.00 28.63 16.45
C GLU A 131 -35.37 29.93 16.96
N SER A 132 -34.45 29.71 17.89
CA SER A 132 -33.68 30.76 18.54
C SER A 132 -32.26 30.20 18.70
N LYS A 133 -31.37 30.91 19.37
CA LYS A 133 -29.99 30.43 19.54
C LYS A 133 -29.86 29.32 20.58
N ASN A 134 -30.96 28.95 21.20
CA ASN A 134 -31.00 27.91 22.21
C ASN A 134 -32.21 27.02 22.08
N VAL A 135 -32.87 27.07 20.92
CA VAL A 135 -34.04 26.25 20.66
C VAL A 135 -33.99 25.64 19.27
N VAL A 136 -34.04 24.32 19.22
CA VAL A 136 -34.02 23.59 17.96
C VAL A 136 -35.33 22.83 17.79
N ASN A 137 -35.90 22.92 16.59
CA ASN A 137 -37.15 22.24 16.30
C ASN A 137 -36.98 21.07 15.32
N VAL A 138 -37.69 19.99 15.63
CA VAL A 138 -37.68 18.84 14.71
C VAL A 138 -39.05 18.91 14.04
N ARG A 139 -39.06 19.06 12.74
CA ARG A 139 -40.28 19.17 11.95
C ARG A 139 -40.39 17.93 11.07
N GLU A 140 -41.57 17.67 10.52
CA GLU A 140 -41.73 16.50 9.67
C GLU A 140 -41.16 16.67 8.28
N SER A 141 -40.91 17.90 7.82
CA SER A 141 -40.36 18.08 6.47
C SER A 141 -39.34 19.20 6.45
N ALA A 142 -38.73 19.48 5.30
CA ALA A 142 -37.76 20.56 5.22
C ALA A 142 -38.45 21.93 5.24
N ASP A 143 -39.76 21.93 5.03
CA ASP A 143 -40.54 23.16 5.02
C ASP A 143 -40.75 23.67 6.43
N PRO A 144 -40.35 24.93 6.67
CA PRO A 144 -40.48 25.56 7.96
C PRO A 144 -41.91 25.70 8.45
N ALA A 145 -42.86 25.36 7.59
CA ALA A 145 -44.27 25.43 7.93
C ALA A 145 -44.75 24.09 8.48
N SER A 146 -44.15 22.99 8.02
CA SER A 146 -44.54 21.68 8.47
C SER A 146 -44.62 21.54 9.98
N ALA A 147 -45.32 20.50 10.41
CA ALA A 147 -45.57 20.19 11.79
C ALA A 147 -44.37 19.94 12.69
N VAL A 148 -44.34 20.70 13.79
CA VAL A 148 -43.27 20.53 14.79
C VAL A 148 -43.56 19.13 15.38
N LYS A 149 -42.54 18.31 15.57
CA LYS A 149 -42.79 17.00 16.16
C LYS A 149 -41.96 16.88 17.43
N GLU A 150 -41.20 17.96 17.68
CA GLU A 150 -40.34 18.01 18.85
C GLU A 150 -39.71 19.39 18.98
N ARG A 151 -39.65 19.85 20.22
CA ARG A 151 -39.08 21.14 20.56
C ARG A 151 -37.97 20.84 21.56
N LEU A 152 -36.73 21.11 21.15
CA LEU A 152 -35.56 20.82 21.97
C LEU A 152 -34.86 22.07 22.49
N GLU A 153 -34.77 22.16 23.81
CA GLU A 153 -34.10 23.28 24.48
C GLU A 153 -32.68 22.82 24.83
N THR A 154 -31.68 23.66 24.58
CA THR A 154 -30.30 23.26 24.86
C THR A 154 -29.38 24.45 25.08
N GLU A 155 -28.21 24.22 25.67
CA GLU A 155 -27.26 25.28 25.93
C GLU A 155 -26.26 25.48 24.79
N HIS A 156 -26.03 24.42 24.04
CA HIS A 156 -25.10 24.44 22.92
C HIS A 156 -25.74 23.70 21.74
N ILE A 157 -25.39 24.17 20.56
CA ILE A 157 -25.89 23.61 19.32
C ILE A 157 -24.72 23.41 18.35
N LEU A 158 -24.71 22.23 17.73
CA LEU A 158 -23.67 21.92 16.77
C LEU A 158 -24.31 21.72 15.39
N LEU A 159 -23.82 22.47 14.40
CA LEU A 159 -24.31 22.37 13.04
C LEU A 159 -23.38 21.43 12.25
N ALA A 160 -23.89 20.35 11.71
CA ALA A 160 -23.05 19.41 10.95
C ALA A 160 -23.87 18.80 9.82
N SER A 161 -24.64 19.62 9.13
CA SER A 161 -25.51 19.16 8.05
C SER A 161 -24.88 18.68 6.76
N GLY A 162 -23.58 18.84 6.58
CA GLY A 162 -22.88 18.40 5.40
C GLY A 162 -23.17 19.19 4.14
N SER A 163 -22.87 18.57 3.00
CA SER A 163 -23.08 19.18 1.70
C SER A 163 -24.04 18.36 0.85
N TRP A 164 -24.32 18.84 -0.33
CA TRP A 164 -25.24 18.17 -1.27
C TRP A 164 -24.71 18.48 -2.67
N PRO A 165 -25.03 17.62 -3.62
CA PRO A 165 -24.58 17.83 -4.99
C PRO A 165 -25.12 19.17 -5.46
N HIS A 166 -24.35 19.84 -6.30
CA HIS A 166 -24.77 21.14 -6.83
C HIS A 166 -25.25 20.92 -8.25
N MET A 167 -26.52 21.15 -8.56
CA MET A 167 -27.01 20.97 -9.94
C MET A 167 -26.98 22.35 -10.59
N PRO A 168 -26.35 22.51 -11.74
CA PRO A 168 -26.29 23.80 -12.41
C PRO A 168 -27.63 24.18 -13.03
N ASN A 169 -27.93 25.47 -13.11
CA ASN A 169 -29.20 25.89 -13.69
C ASN A 169 -29.10 26.05 -15.20
N ILE A 170 -29.18 24.90 -15.88
CA ILE A 170 -29.14 24.84 -17.32
C ILE A 170 -30.43 24.11 -17.72
N PRO A 171 -30.97 24.44 -18.88
CA PRO A 171 -32.20 23.82 -19.33
C PRO A 171 -32.11 22.30 -19.40
N GLY A 172 -32.99 21.57 -18.73
CA GLY A 172 -32.94 20.11 -18.81
C GLY A 172 -32.28 19.40 -17.65
N ILE A 173 -31.79 20.16 -16.68
CA ILE A 173 -31.15 19.56 -15.51
C ILE A 173 -32.01 18.45 -14.94
N GLU A 174 -33.33 18.56 -15.08
CA GLU A 174 -34.25 17.54 -14.61
C GLU A 174 -34.05 16.18 -15.28
N HIS A 175 -33.29 16.07 -16.35
CA HIS A 175 -33.06 14.80 -17.02
C HIS A 175 -31.71 14.23 -16.59
N CYS A 176 -31.06 14.97 -15.71
CA CYS A 176 -29.75 14.54 -15.21
C CYS A 176 -29.89 14.02 -13.79
N ILE A 177 -28.83 13.40 -13.29
CA ILE A 177 -28.81 12.86 -11.93
C ILE A 177 -27.50 13.30 -11.26
N SER A 178 -27.38 12.96 -9.99
CA SER A 178 -26.17 13.28 -9.22
C SER A 178 -25.56 11.98 -8.72
N SER A 179 -24.48 12.05 -7.95
CA SER A 179 -23.85 10.84 -7.44
C SER A 179 -24.84 10.03 -6.60
N ASN A 180 -25.76 10.72 -5.93
CA ASN A 180 -26.77 10.08 -5.11
C ASN A 180 -27.55 9.01 -5.85
N GLU A 181 -28.18 9.38 -6.97
CA GLU A 181 -28.97 8.42 -7.73
C GLU A 181 -28.13 7.29 -8.29
N ALA A 182 -26.87 7.56 -8.61
CA ALA A 182 -25.96 6.57 -9.15
C ALA A 182 -25.83 5.34 -8.28
N PHE A 183 -25.89 5.48 -6.96
CA PHE A 183 -25.75 4.33 -6.09
C PHE A 183 -26.98 3.43 -6.11
N TYR A 184 -28.06 3.85 -6.77
CA TYR A 184 -29.28 3.04 -6.82
C TYR A 184 -29.72 2.68 -8.21
N LEU A 185 -28.87 2.84 -9.22
CA LEU A 185 -29.29 2.50 -10.58
C LEU A 185 -29.63 1.01 -10.68
N PRO A 186 -30.80 0.72 -11.20
CA PRO A 186 -31.25 -0.65 -11.37
C PRO A 186 -30.49 -1.33 -12.50
N GLU A 187 -29.94 -0.58 -13.45
CA GLU A 187 -29.19 -1.16 -14.58
C GLU A 187 -28.04 -0.22 -14.94
N PRO A 188 -26.94 -0.76 -15.42
CA PRO A 188 -25.79 0.05 -15.82
C PRO A 188 -26.05 0.63 -17.21
N PRO A 189 -25.92 1.94 -17.33
CA PRO A 189 -26.14 2.63 -18.58
C PRO A 189 -25.18 2.19 -19.68
N ARG A 190 -25.71 2.10 -20.90
CA ARG A 190 -24.86 1.71 -22.03
C ARG A 190 -23.98 2.88 -22.43
N ARG A 191 -24.54 4.07 -22.58
CA ARG A 191 -23.79 5.27 -22.92
C ARG A 191 -24.02 6.23 -21.74
N VAL A 192 -22.95 6.58 -21.04
CA VAL A 192 -23.13 7.49 -19.92
C VAL A 192 -22.17 8.66 -20.07
N LEU A 193 -22.60 9.80 -19.55
CA LEU A 193 -21.82 11.02 -19.55
C LEU A 193 -21.74 11.48 -18.09
N THR A 194 -20.52 11.68 -17.62
CA THR A 194 -20.31 12.16 -16.26
C THR A 194 -19.80 13.59 -16.46
N VAL A 195 -20.43 14.53 -15.77
CA VAL A 195 -20.02 15.92 -15.92
C VAL A 195 -19.28 16.42 -14.70
N GLY A 196 -18.02 16.79 -14.89
CA GLY A 196 -17.21 17.30 -13.78
C GLY A 196 -15.76 16.89 -13.98
N GLY A 197 -14.81 17.63 -13.44
CA GLY A 197 -13.41 17.24 -13.62
C GLY A 197 -12.89 16.59 -12.34
N GLY A 198 -13.61 16.77 -11.25
CA GLY A 198 -13.26 16.27 -9.95
C GLY A 198 -13.23 14.77 -9.74
N PHE A 199 -12.90 14.41 -8.50
CA PHE A 199 -12.79 13.03 -8.07
C PHE A 199 -14.07 12.23 -8.24
N ILE A 200 -15.19 12.74 -7.77
CA ILE A 200 -16.46 12.04 -7.90
C ILE A 200 -16.71 11.62 -9.34
N SER A 201 -16.51 12.56 -10.27
CA SER A 201 -16.69 12.31 -11.69
C SER A 201 -15.70 11.26 -12.21
N VAL A 202 -14.44 11.43 -11.87
CA VAL A 202 -13.40 10.49 -12.28
C VAL A 202 -13.63 9.11 -11.69
N GLU A 203 -13.81 9.01 -10.37
CA GLU A 203 -14.05 7.72 -9.74
C GLU A 203 -15.25 7.01 -10.36
N PHE A 204 -16.38 7.71 -10.53
CA PHE A 204 -17.53 7.06 -11.13
C PHE A 204 -17.29 6.66 -12.58
N ALA A 205 -16.45 7.39 -13.31
CA ALA A 205 -16.19 7.04 -14.71
C ALA A 205 -15.66 5.61 -14.80
N GLY A 206 -14.74 5.32 -13.88
CA GLY A 206 -14.12 4.00 -13.80
C GLY A 206 -15.15 2.94 -13.41
N ILE A 207 -16.08 3.29 -12.52
CA ILE A 207 -17.09 2.33 -12.10
C ILE A 207 -17.94 1.92 -13.29
N PHE A 208 -18.51 2.93 -13.94
CA PHE A 208 -19.35 2.73 -15.12
C PHE A 208 -18.63 1.96 -16.23
N ASN A 209 -17.38 2.32 -16.47
CA ASN A 209 -16.56 1.71 -17.49
C ASN A 209 -16.31 0.21 -17.26
N ALA A 210 -16.37 -0.24 -16.02
CA ALA A 210 -16.14 -1.65 -15.74
C ALA A 210 -17.40 -2.49 -15.85
N TYR A 211 -18.55 -1.95 -15.49
CA TYR A 211 -19.81 -2.68 -15.55
C TYR A 211 -20.64 -2.30 -16.76
N LYS A 212 -20.03 -1.67 -17.78
CA LYS A 212 -20.79 -1.27 -18.94
C LYS A 212 -21.10 -2.42 -19.89
N PRO A 213 -22.32 -2.44 -20.41
CA PRO A 213 -22.75 -3.46 -21.35
C PRO A 213 -21.91 -3.44 -22.63
N LYS A 214 -22.05 -4.50 -23.40
CA LYS A 214 -21.39 -4.77 -24.66
C LYS A 214 -20.72 -3.62 -25.37
N ASP A 215 -21.45 -2.76 -26.08
CA ASP A 215 -20.87 -1.63 -26.78
C ASP A 215 -21.19 -0.35 -26.00
N GLY A 216 -21.00 -0.45 -24.69
CA GLY A 216 -21.25 0.71 -23.84
C GLY A 216 -20.08 1.66 -24.10
N GLN A 217 -20.18 2.85 -23.54
CA GLN A 217 -19.12 3.85 -23.69
C GLN A 217 -19.31 4.85 -22.56
N VAL A 218 -18.21 5.17 -21.89
CA VAL A 218 -18.27 6.13 -20.78
C VAL A 218 -17.60 7.41 -21.32
N THR A 219 -18.24 8.55 -21.15
CA THR A 219 -17.63 9.79 -21.64
C THR A 219 -17.55 10.74 -20.45
N LEU A 220 -16.39 11.36 -20.25
CA LEU A 220 -16.20 12.28 -19.13
C LEU A 220 -15.97 13.67 -19.73
N CYS A 221 -16.74 14.67 -19.31
CA CYS A 221 -16.49 16.01 -19.85
C CYS A 221 -16.22 16.98 -18.70
N TYR A 222 -15.33 17.90 -19.03
CA TYR A 222 -14.87 18.95 -18.15
C TYR A 222 -14.71 20.23 -18.97
N ARG A 223 -15.09 21.34 -18.35
CA ARG A 223 -15.02 22.63 -19.00
C ARG A 223 -13.61 23.21 -19.01
N GLY A 224 -12.75 22.79 -18.11
CA GLY A 224 -11.38 23.30 -18.08
C GLY A 224 -10.45 22.53 -19.00
N GLU A 225 -9.16 22.83 -18.91
CA GLU A 225 -8.11 22.24 -19.69
C GLU A 225 -7.85 20.76 -19.51
N MET A 226 -7.85 20.30 -18.26
CA MET A 226 -7.54 18.89 -18.00
C MET A 226 -8.11 18.48 -16.64
N ILE A 227 -8.57 17.23 -16.54
CA ILE A 227 -9.13 16.75 -15.30
C ILE A 227 -8.26 17.00 -14.07
N LEU A 228 -8.92 16.80 -12.94
CA LEU A 228 -8.36 16.94 -11.62
C LEU A 228 -7.66 18.24 -11.28
N ARG A 229 -8.38 19.34 -11.41
CA ARG A 229 -7.83 20.66 -11.08
C ARG A 229 -7.52 20.63 -9.57
N GLY A 230 -6.39 21.19 -9.16
CA GLY A 230 -6.01 21.20 -7.75
C GLY A 230 -4.98 20.14 -7.41
N PHE A 231 -4.75 19.18 -8.31
CA PHE A 231 -3.79 18.10 -8.12
C PHE A 231 -2.54 18.31 -8.98
N ASP A 232 -1.43 17.68 -8.65
CA ASP A 232 -0.18 17.79 -9.41
C ASP A 232 -0.38 17.63 -10.91
N HIS A 233 0.16 18.55 -11.70
CA HIS A 233 0.04 18.51 -13.15
C HIS A 233 0.50 17.20 -13.75
N THR A 234 1.58 16.60 -13.23
CA THR A 234 2.05 15.34 -13.79
C THR A 234 1.02 14.23 -13.63
N LEU A 235 0.36 14.21 -12.48
CA LEU A 235 -0.67 13.19 -12.26
C LEU A 235 -1.84 13.47 -13.18
N ARG A 236 -2.25 14.74 -13.34
CA ARG A 236 -3.37 15.03 -14.24
C ARG A 236 -3.13 14.56 -15.66
N GLU A 237 -1.91 14.76 -16.15
CA GLU A 237 -1.54 14.33 -17.50
C GLU A 237 -1.51 12.81 -17.56
N GLU A 238 -0.74 12.17 -16.68
CA GLU A 238 -0.63 10.72 -16.69
C GLU A 238 -1.98 10.04 -16.53
N LEU A 239 -2.72 10.47 -15.50
CA LEU A 239 -4.02 9.89 -15.25
C LEU A 239 -4.87 9.95 -16.52
N THR A 240 -4.85 11.07 -17.23
CA THR A 240 -5.62 11.20 -18.47
C THR A 240 -5.25 10.16 -19.51
N LYS A 241 -3.96 9.95 -19.75
CA LYS A 241 -3.57 8.93 -20.73
C LYS A 241 -4.04 7.55 -20.26
N GLN A 242 -3.78 7.24 -18.99
CA GLN A 242 -4.18 5.93 -18.48
C GLN A 242 -5.68 5.72 -18.52
N LEU A 243 -6.53 6.70 -18.22
CA LEU A 243 -7.98 6.49 -18.29
C LEU A 243 -8.40 6.21 -19.74
N THR A 244 -7.81 6.99 -20.62
CA THR A 244 -8.04 6.94 -22.06
C THR A 244 -7.73 5.55 -22.60
N ALA A 245 -6.52 5.08 -22.32
CA ALA A 245 -6.08 3.76 -22.74
C ALA A 245 -7.00 2.65 -22.21
N ASN A 246 -7.91 2.92 -21.29
CA ASN A 246 -8.80 1.89 -20.76
C ASN A 246 -10.19 1.99 -21.36
N GLY A 247 -10.33 2.87 -22.37
CA GLY A 247 -11.62 3.00 -23.02
C GLY A 247 -12.54 4.09 -22.51
N ILE A 248 -12.04 5.04 -21.72
CA ILE A 248 -12.93 6.12 -21.26
C ILE A 248 -12.65 7.31 -22.17
N GLN A 249 -13.69 7.92 -22.70
CA GLN A 249 -13.51 9.07 -23.59
C GLN A 249 -13.61 10.36 -22.79
N ILE A 250 -12.59 11.19 -22.86
CA ILE A 250 -12.52 12.45 -22.14
C ILE A 250 -12.58 13.72 -22.98
N LEU A 251 -13.62 14.51 -22.75
CA LEU A 251 -13.84 15.75 -23.45
C LEU A 251 -13.51 16.97 -22.58
N THR A 252 -12.38 17.59 -22.90
CA THR A 252 -11.97 18.78 -22.16
C THR A 252 -12.40 20.00 -23.00
N LYS A 253 -12.64 21.11 -22.33
CA LYS A 253 -13.07 22.33 -22.98
C LYS A 253 -14.47 22.20 -23.54
N GLU A 254 -15.27 21.32 -22.93
CA GLU A 254 -16.65 21.15 -23.37
C GLU A 254 -17.52 21.56 -22.19
N ASN A 255 -18.58 22.30 -22.46
CA ASN A 255 -19.47 22.72 -21.39
C ASN A 255 -20.92 22.60 -21.82
N PRO A 256 -21.62 21.60 -21.30
CA PRO A 256 -23.01 21.38 -21.64
C PRO A 256 -23.83 22.66 -21.71
N ALA A 257 -24.72 22.74 -22.71
CA ALA A 257 -25.59 23.89 -22.87
C ALA A 257 -27.02 23.51 -22.49
N LYS A 258 -27.45 22.31 -22.83
CA LYS A 258 -28.80 21.85 -22.50
C LYS A 258 -28.86 20.35 -22.72
N VAL A 259 -29.87 19.73 -22.14
CA VAL A 259 -30.10 18.29 -22.25
C VAL A 259 -31.56 18.13 -22.70
N GLU A 260 -31.80 17.37 -23.75
CA GLU A 260 -33.19 17.20 -24.19
C GLU A 260 -33.53 15.72 -24.08
N LEU A 261 -34.78 15.40 -23.82
CA LEU A 261 -35.20 14.01 -23.67
C LEU A 261 -35.84 13.47 -24.93
N ASN A 262 -35.13 12.68 -25.74
CA ASN A 262 -35.70 12.14 -26.96
C ASN A 262 -36.81 11.12 -26.68
N ALA A 263 -37.53 10.74 -27.72
CA ALA A 263 -38.63 9.79 -27.64
C ALA A 263 -38.21 8.38 -27.26
N ASP A 264 -36.98 7.98 -27.59
CA ASP A 264 -36.55 6.63 -27.24
C ASP A 264 -36.21 6.62 -25.75
N GLY A 265 -36.14 7.81 -25.16
CA GLY A 265 -35.84 7.93 -23.74
C GLY A 265 -34.40 8.39 -23.51
N SER A 266 -33.60 8.35 -24.58
CA SER A 266 -32.21 8.78 -24.44
C SER A 266 -32.22 10.27 -24.10
N LYS A 267 -31.02 10.79 -23.88
CA LYS A 267 -30.91 12.21 -23.57
C LYS A 267 -29.95 12.80 -24.62
N SER A 268 -30.40 13.91 -25.19
CA SER A 268 -29.51 14.53 -26.19
C SER A 268 -28.76 15.62 -25.41
N VAL A 269 -27.46 15.76 -25.63
CA VAL A 269 -26.71 16.78 -24.92
C VAL A 269 -26.10 17.77 -25.92
N THR A 270 -26.37 19.05 -25.75
CA THR A 270 -25.79 20.03 -26.66
C THR A 270 -24.74 20.84 -25.91
N PHE A 271 -23.51 20.82 -26.41
CA PHE A 271 -22.42 21.56 -25.78
C PHE A 271 -22.33 22.98 -26.33
N GLU A 272 -21.93 23.93 -25.50
CA GLU A 272 -21.81 25.31 -25.95
C GLU A 272 -21.10 25.35 -27.31
N SER A 273 -20.06 24.55 -27.46
CA SER A 273 -19.30 24.46 -28.69
C SER A 273 -20.18 24.13 -29.89
N GLY A 274 -21.39 23.64 -29.67
CA GLY A 274 -22.25 23.29 -30.79
C GLY A 274 -22.38 21.79 -30.99
N LYS A 275 -21.45 21.01 -30.47
CA LYS A 275 -21.49 19.56 -30.60
C LYS A 275 -22.76 18.98 -30.00
N LYS A 276 -23.22 17.84 -30.52
CA LYS A 276 -24.43 17.21 -29.98
C LYS A 276 -24.15 15.72 -29.84
N MET A 277 -24.45 15.10 -28.71
CA MET A 277 -24.22 13.67 -28.53
C MET A 277 -25.39 13.09 -27.71
N ASP A 278 -25.64 11.80 -27.88
CA ASP A 278 -26.72 11.14 -27.14
C ASP A 278 -26.15 10.24 -26.05
N PHE A 279 -26.89 10.15 -24.94
CA PHE A 279 -26.50 9.34 -23.80
C PHE A 279 -27.73 8.78 -23.10
N ASP A 280 -27.59 7.66 -22.41
CA ASP A 280 -28.73 7.07 -21.69
C ASP A 280 -28.72 7.58 -20.25
N LEU A 281 -27.57 8.14 -19.85
CA LEU A 281 -27.45 8.66 -18.51
C LEU A 281 -26.58 9.91 -18.50
N VAL A 282 -27.04 10.91 -17.76
CA VAL A 282 -26.27 12.14 -17.66
C VAL A 282 -26.04 12.34 -16.17
N MET A 283 -24.78 12.21 -15.75
CA MET A 283 -24.50 12.37 -14.33
C MET A 283 -23.74 13.66 -14.12
N MET A 284 -24.28 14.53 -13.27
CA MET A 284 -23.59 15.80 -13.03
C MET A 284 -22.79 15.66 -11.73
N ALA A 285 -21.50 15.98 -11.76
CA ALA A 285 -20.66 15.89 -10.58
C ALA A 285 -19.77 17.12 -10.59
N ILE A 286 -20.39 18.30 -10.55
CA ILE A 286 -19.64 19.54 -10.60
C ILE A 286 -19.38 20.19 -9.27
N GLY A 287 -19.65 19.52 -8.16
CA GLY A 287 -19.39 20.16 -6.88
C GLY A 287 -20.46 19.85 -5.85
N ARG A 288 -20.15 20.20 -4.61
CA ARG A 288 -21.05 20.00 -3.50
C ARG A 288 -21.12 21.31 -2.71
N SER A 289 -22.30 21.65 -2.23
CA SER A 289 -22.49 22.87 -1.44
C SER A 289 -22.94 22.54 -0.02
N PRO A 290 -22.49 23.33 0.95
CA PRO A 290 -22.88 23.12 2.32
C PRO A 290 -24.39 23.22 2.44
N ARG A 291 -25.03 22.33 3.18
CA ARG A 291 -26.49 22.39 3.34
C ARG A 291 -26.85 23.39 4.44
N THR A 292 -27.09 24.65 4.08
CA THR A 292 -27.43 25.66 5.06
C THR A 292 -28.85 26.16 5.06
N LYS A 293 -29.48 26.38 3.92
CA LYS A 293 -30.83 26.87 3.80
C LYS A 293 -31.85 26.31 4.76
N ASP A 294 -32.04 24.99 4.87
CA ASP A 294 -33.02 24.42 5.78
C ASP A 294 -32.70 24.56 7.27
N LEU A 295 -31.63 25.20 7.68
CA LEU A 295 -31.30 25.30 9.09
C LEU A 295 -31.94 26.50 9.77
N GLN A 296 -32.35 27.47 8.96
CA GLN A 296 -32.97 28.70 9.41
C GLN A 296 -31.98 29.54 10.21
N LEU A 297 -30.73 29.57 9.75
CA LEU A 297 -29.66 30.30 10.41
C LEU A 297 -30.04 31.70 10.86
N GLN A 298 -30.89 32.35 10.07
CA GLN A 298 -31.33 33.70 10.39
C GLN A 298 -31.97 33.79 11.77
N ASN A 299 -32.64 32.75 12.24
CA ASN A 299 -33.24 32.81 13.56
C ASN A 299 -32.24 32.86 14.69
N ALA A 300 -30.94 32.94 14.41
CA ALA A 300 -29.93 33.00 15.43
C ALA A 300 -28.79 33.94 15.09
N GLY A 301 -28.83 34.55 13.90
CA GLY A 301 -27.80 35.46 13.47
C GLY A 301 -26.48 34.84 13.05
N VAL A 302 -26.39 33.53 12.85
CA VAL A 302 -25.13 32.92 12.44
C VAL A 302 -24.79 33.29 11.01
N MET A 303 -23.56 33.76 10.81
CA MET A 303 -23.07 34.18 9.52
C MET A 303 -22.62 33.11 8.56
N ILE A 304 -22.89 33.39 7.29
CA ILE A 304 -22.56 32.55 6.16
C ILE A 304 -21.53 33.29 5.32
N LYS A 305 -20.43 32.62 4.98
CA LYS A 305 -19.40 33.26 4.19
C LYS A 305 -19.49 32.93 2.72
N ASN A 306 -18.96 31.80 2.30
CA ASN A 306 -19.04 31.46 0.87
C ASN A 306 -19.92 30.22 0.70
N GLY A 307 -21.22 30.44 0.93
CA GLY A 307 -22.21 29.38 0.84
C GLY A 307 -22.22 28.56 2.14
N GLY A 308 -21.12 28.54 2.89
CA GLY A 308 -21.04 27.78 4.12
C GLY A 308 -21.02 28.58 5.42
N VAL A 309 -21.25 27.87 6.52
CA VAL A 309 -21.28 28.48 7.84
C VAL A 309 -19.89 28.97 8.23
N GLN A 310 -19.80 30.27 8.50
CA GLN A 310 -18.52 30.85 8.89
C GLN A 310 -18.13 30.37 10.29
N VAL A 311 -16.86 30.03 10.45
CA VAL A 311 -16.34 29.58 11.71
C VAL A 311 -14.88 30.03 11.81
N ASP A 312 -14.36 29.93 13.02
CA ASP A 312 -12.98 30.29 13.30
C ASP A 312 -12.20 29.00 13.49
N GLU A 313 -10.89 29.10 13.63
CA GLU A 313 -10.03 27.95 13.81
C GLU A 313 -10.51 26.95 14.84
N TYR A 314 -11.30 27.40 15.81
CA TYR A 314 -11.82 26.53 16.86
C TYR A 314 -13.21 26.00 16.55
N SER A 315 -13.67 26.23 15.34
CA SER A 315 -14.96 25.80 14.84
C SER A 315 -16.14 26.52 15.46
N ARG A 316 -15.91 27.75 15.90
CA ARG A 316 -16.95 28.57 16.52
C ARG A 316 -17.57 29.52 15.51
N THR A 317 -18.89 29.68 15.55
CA THR A 317 -19.57 30.60 14.65
C THR A 317 -19.48 32.00 15.24
N ASN A 318 -20.23 32.96 14.73
CA ASN A 318 -20.16 34.32 15.27
C ASN A 318 -21.05 34.50 16.49
N VAL A 319 -21.89 33.52 16.77
CA VAL A 319 -22.81 33.50 17.89
C VAL A 319 -22.34 32.50 18.93
N SER A 320 -22.10 32.94 20.15
CA SER A 320 -21.63 32.07 21.23
C SER A 320 -22.51 30.83 21.37
N ASN A 321 -21.91 29.67 21.59
CA ASN A 321 -22.61 28.42 21.76
C ASN A 321 -23.10 27.74 20.48
N ILE A 322 -22.79 28.31 19.34
CA ILE A 322 -23.24 27.69 18.10
C ILE A 322 -21.97 27.35 17.33
N TYR A 323 -21.72 26.06 17.14
CA TYR A 323 -20.50 25.64 16.45
C TYR A 323 -20.85 24.96 15.14
N ALA A 324 -19.84 24.82 14.29
CA ALA A 324 -20.05 24.18 12.99
C ALA A 324 -18.78 23.42 12.62
N ILE A 325 -18.94 22.15 12.27
CA ILE A 325 -17.81 21.32 11.88
C ILE A 325 -18.23 20.61 10.60
N GLY A 326 -17.31 20.01 9.86
CA GLY A 326 -17.65 19.29 8.66
C GLY A 326 -17.88 20.02 7.36
N ASP A 327 -18.42 19.27 6.38
CA ASP A 327 -18.68 19.79 5.05
C ASP A 327 -19.38 21.13 5.09
N VAL A 328 -20.31 21.31 6.03
CA VAL A 328 -21.06 22.55 6.18
C VAL A 328 -20.22 23.80 6.31
N THR A 329 -19.00 23.68 6.79
CA THR A 329 -18.09 24.79 6.98
C THR A 329 -17.20 25.07 5.77
N ASN A 330 -17.29 24.24 4.74
CA ASN A 330 -16.53 24.38 3.52
C ASN A 330 -15.02 24.49 3.66
N ARG A 331 -14.36 23.75 4.54
CA ARG A 331 -12.91 23.84 4.65
C ARG A 331 -12.27 22.71 3.84
N VAL A 332 -12.13 21.53 4.40
CA VAL A 332 -11.57 20.39 3.67
C VAL A 332 -12.64 19.29 3.71
N MET A 333 -13.26 18.99 2.58
CA MET A 333 -14.30 17.97 2.55
C MET A 333 -13.86 16.53 2.47
N LEU A 334 -13.37 16.02 3.59
CA LEU A 334 -12.92 14.64 3.72
C LEU A 334 -13.49 14.07 5.01
N THR A 335 -13.84 12.78 5.00
CA THR A 335 -14.41 12.17 6.19
C THR A 335 -13.59 12.37 7.45
N PRO A 336 -12.32 12.00 7.41
CA PRO A 336 -11.42 12.13 8.54
C PRO A 336 -11.27 13.55 9.06
N VAL A 337 -11.32 14.56 8.18
CA VAL A 337 -11.21 15.94 8.68
C VAL A 337 -12.41 16.26 9.56
N ALA A 338 -13.60 15.86 9.14
CA ALA A 338 -14.82 16.09 9.89
C ALA A 338 -14.72 15.40 11.25
N ILE A 339 -14.35 14.12 11.20
CA ILE A 339 -14.22 13.37 12.45
C ILE A 339 -13.29 14.07 13.43
N ASN A 340 -12.18 14.60 12.94
CA ASN A 340 -11.20 15.30 13.76
C ASN A 340 -11.71 16.60 14.34
N GLU A 341 -12.33 17.41 13.50
CA GLU A 341 -12.86 18.69 13.93
C GLU A 341 -13.84 18.54 15.09
N ALA A 342 -14.62 17.45 15.06
CA ALA A 342 -15.61 17.17 16.07
C ALA A 342 -15.01 16.86 17.43
N ALA A 343 -13.91 16.10 17.42
CA ALA A 343 -13.22 15.73 18.65
C ALA A 343 -12.55 16.98 19.22
N ALA A 344 -11.96 17.78 18.34
CA ALA A 344 -11.29 19.01 18.77
C ALA A 344 -12.34 19.96 19.37
N LEU A 345 -13.44 20.08 18.63
CA LEU A 345 -14.55 20.93 19.04
C LEU A 345 -15.02 20.53 20.42
N VAL A 346 -15.34 19.25 20.58
CA VAL A 346 -15.82 18.75 21.86
C VAL A 346 -14.87 19.01 23.01
N ASP A 347 -13.57 18.84 22.81
CA ASP A 347 -12.60 19.10 23.86
C ASP A 347 -12.60 20.59 24.19
N THR A 348 -12.63 21.42 23.16
CA THR A 348 -12.62 22.87 23.31
C THR A 348 -13.78 23.41 24.12
N VAL A 349 -14.97 22.84 23.94
CA VAL A 349 -16.18 23.26 24.61
C VAL A 349 -16.43 22.68 25.98
N PHE A 350 -16.36 21.37 26.15
CA PHE A 350 -16.61 20.73 27.43
C PHE A 350 -15.35 20.18 28.11
N GLY A 351 -14.18 20.55 27.62
CA GLY A 351 -12.93 20.05 28.20
C GLY A 351 -12.09 21.17 28.78
N THR A 352 -11.03 20.77 29.44
CA THR A 352 -10.09 21.66 30.09
C THR A 352 -9.23 22.46 29.10
N THR A 353 -9.03 21.91 27.91
CA THR A 353 -8.19 22.56 26.91
C THR A 353 -8.77 22.73 25.52
N PRO A 354 -8.61 23.94 24.98
CA PRO A 354 -9.07 24.30 23.66
C PRO A 354 -8.15 23.63 22.63
N ARG A 355 -8.76 23.10 21.58
CA ARG A 355 -7.94 22.42 20.57
C ARG A 355 -8.56 22.57 19.19
N LYS A 356 -7.70 22.72 18.20
CA LYS A 356 -8.15 22.89 16.82
C LYS A 356 -7.51 21.84 15.92
N THR A 357 -8.06 21.71 14.73
CA THR A 357 -7.57 20.76 13.74
C THR A 357 -6.55 21.41 12.80
N ASP A 358 -5.60 20.59 12.35
CA ASP A 358 -4.61 21.08 11.40
C ASP A 358 -5.12 20.66 10.02
N HIS A 359 -5.57 21.63 9.24
CA HIS A 359 -6.08 21.35 7.91
C HIS A 359 -4.94 21.31 6.92
N THR A 360 -3.70 21.45 7.39
CA THR A 360 -2.57 21.38 6.49
C THR A 360 -1.97 19.98 6.43
N ARG A 361 -1.25 19.74 5.33
CA ARG A 361 -0.59 18.46 5.13
C ARG A 361 -1.49 17.25 5.30
N VAL A 362 -2.78 17.37 5.01
CA VAL A 362 -3.69 16.24 5.15
C VAL A 362 -3.58 15.33 3.93
N ALA A 363 -3.26 14.07 4.16
CA ALA A 363 -3.15 13.10 3.07
C ALA A 363 -4.55 12.80 2.54
N SER A 364 -4.63 12.31 1.30
CA SER A 364 -5.94 11.98 0.72
C SER A 364 -5.70 11.19 -0.55
N ALA A 365 -6.76 10.64 -1.13
CA ALA A 365 -6.61 9.86 -2.35
C ALA A 365 -7.81 9.99 -3.28
N VAL A 366 -7.57 9.52 -4.48
CA VAL A 366 -8.60 9.51 -5.53
C VAL A 366 -8.64 8.04 -5.97
N PHE A 367 -9.79 7.40 -5.72
CA PHE A 367 -9.94 6.01 -6.07
C PHE A 367 -10.28 5.76 -7.52
N SER A 368 -9.47 6.35 -8.40
CA SER A 368 -9.59 6.19 -9.84
C SER A 368 -8.83 4.90 -10.15
N ILE A 369 -8.80 4.46 -11.39
CA ILE A 369 -8.08 3.25 -11.76
C ILE A 369 -7.12 3.64 -12.90
N PRO A 370 -5.84 3.74 -12.61
CA PRO A 370 -5.26 3.52 -11.31
C PRO A 370 -5.55 4.68 -10.37
N PRO A 371 -5.34 4.50 -9.07
CA PRO A 371 -5.60 5.51 -8.07
C PRO A 371 -4.48 6.51 -7.84
N ILE A 372 -4.75 7.56 -7.09
CA ILE A 372 -3.80 8.62 -6.76
C ILE A 372 -3.73 8.79 -5.25
N GLY A 373 -2.56 9.07 -4.71
CA GLY A 373 -2.36 9.28 -3.28
C GLY A 373 -1.58 10.60 -3.16
N THR A 374 -2.01 11.51 -2.29
CA THR A 374 -1.30 12.78 -2.20
C THR A 374 -1.25 13.45 -0.85
N CYS A 375 -0.20 14.23 -0.64
CA CYS A 375 0.01 14.94 0.61
C CYS A 375 0.90 16.16 0.42
N GLY A 376 0.44 17.33 0.90
CA GLY A 376 1.20 18.55 0.80
C GLY A 376 0.97 19.34 -0.48
N LEU A 377 1.79 20.37 -0.69
CA LEU A 377 1.69 21.24 -1.83
C LEU A 377 2.06 20.70 -3.20
N ILE A 378 1.34 21.23 -4.19
CA ILE A 378 1.61 20.88 -5.58
C ILE A 378 2.66 21.92 -5.99
N GLU A 379 3.57 21.60 -6.90
CA GLU A 379 4.60 22.56 -7.27
C GLU A 379 4.08 23.97 -7.46
N GLU A 380 3.11 24.16 -8.34
CA GLU A 380 2.55 25.47 -8.59
C GLU A 380 2.32 26.30 -7.34
N VAL A 381 1.87 25.73 -6.24
CA VAL A 381 1.64 26.54 -5.03
C VAL A 381 2.92 26.72 -4.24
N ALA A 382 3.80 25.74 -4.35
CA ALA A 382 5.08 25.73 -3.65
C ALA A 382 5.94 26.89 -4.15
N SER A 383 6.15 26.92 -5.46
CA SER A 383 6.95 27.97 -6.07
C SER A 383 6.44 29.37 -5.76
N LYS A 384 5.24 29.55 -5.21
CA LYS A 384 4.78 30.89 -4.91
C LYS A 384 4.93 31.21 -3.43
N ARG A 385 5.27 30.25 -2.59
CA ARG A 385 5.42 30.57 -1.17
C ARG A 385 6.91 30.48 -0.80
N TYR A 386 7.66 29.81 -1.67
CA TYR A 386 9.08 29.61 -1.44
C TYR A 386 9.94 30.03 -2.63
N GLU A 387 11.08 30.62 -2.30
CA GLU A 387 11.98 31.07 -3.35
C GLU A 387 12.67 29.92 -4.06
N VAL A 388 13.08 28.92 -3.27
CA VAL A 388 13.75 27.78 -3.87
C VAL A 388 13.04 26.46 -3.57
N VAL A 389 12.59 25.88 -4.68
CA VAL A 389 11.85 24.63 -4.67
C VAL A 389 12.48 23.59 -5.58
N ALA A 390 12.71 22.40 -5.02
CA ALA A 390 13.29 21.31 -5.80
C ALA A 390 12.17 20.29 -6.03
N VAL A 391 12.08 19.81 -7.25
CA VAL A 391 11.09 18.82 -7.66
C VAL A 391 11.85 17.54 -8.04
N TYR A 392 11.58 16.48 -7.33
CA TYR A 392 12.21 15.18 -7.58
C TYR A 392 11.15 14.34 -8.29
N LEU A 393 11.44 13.78 -9.46
CA LEU A 393 10.44 13.02 -10.17
C LEU A 393 10.85 11.68 -10.74
N SER A 394 10.08 10.64 -10.41
CA SER A 394 10.34 9.29 -10.89
C SER A 394 9.17 8.73 -11.69
N SER A 395 9.46 8.00 -12.75
CA SER A 395 8.41 7.40 -13.59
C SER A 395 8.86 6.01 -14.01
N PHE A 396 8.03 5.00 -13.86
CA PHE A 396 8.47 3.68 -14.30
C PHE A 396 7.28 2.75 -14.48
N THR A 397 7.48 1.74 -15.30
CA THR A 397 6.43 0.74 -15.51
C THR A 397 6.83 -0.41 -14.58
N PRO A 398 6.01 -0.64 -13.58
CA PRO A 398 6.28 -1.71 -12.63
C PRO A 398 6.44 -3.02 -13.41
N LEU A 399 7.24 -3.90 -12.83
CA LEU A 399 7.56 -5.20 -13.38
C LEU A 399 6.32 -5.96 -13.86
N MET A 400 5.40 -6.20 -12.92
CA MET A 400 4.17 -6.91 -13.23
C MET A 400 3.43 -6.32 -14.42
N HIS A 401 3.50 -4.99 -14.62
CA HIS A 401 2.78 -4.42 -15.76
C HIS A 401 3.53 -4.67 -17.05
N LYS A 402 4.82 -5.01 -16.93
CA LYS A 402 5.58 -5.32 -18.15
C LYS A 402 4.96 -6.66 -18.60
N VAL A 403 4.82 -7.59 -17.66
CA VAL A 403 4.27 -8.89 -17.96
C VAL A 403 2.75 -8.99 -17.94
N SER A 404 2.00 -8.10 -17.32
CA SER A 404 0.55 -8.26 -17.32
C SER A 404 -0.09 -7.81 -18.62
N GLY A 405 0.65 -7.12 -19.48
CA GLY A 405 0.08 -6.68 -20.75
C GLY A 405 -0.47 -5.27 -20.61
N SER A 406 -0.44 -4.67 -19.42
CA SER A 406 -0.93 -3.31 -19.24
C SER A 406 0.33 -2.42 -19.25
N LYS A 407 1.04 -2.29 -20.36
CA LYS A 407 2.24 -1.47 -20.36
C LYS A 407 2.01 0.02 -20.19
N TYR A 408 0.78 0.49 -20.29
CA TYR A 408 0.50 1.92 -20.15
C TYR A 408 0.34 2.33 -18.70
N LYS A 409 0.42 1.37 -17.79
CA LYS A 409 0.24 1.67 -16.38
C LYS A 409 1.54 2.12 -15.72
N THR A 410 1.98 3.32 -16.06
CA THR A 410 3.22 3.88 -15.49
C THR A 410 2.99 4.31 -14.04
N PHE A 411 4.00 4.14 -13.18
CA PHE A 411 3.95 4.55 -11.79
C PHE A 411 4.69 5.90 -11.71
N VAL A 412 4.04 6.89 -11.11
CA VAL A 412 4.65 8.21 -10.98
C VAL A 412 4.81 8.58 -9.51
N ALA A 413 6.04 8.92 -9.13
CA ALA A 413 6.31 9.31 -7.75
C ALA A 413 6.87 10.74 -7.86
N LYS A 414 6.39 11.65 -7.06
CA LYS A 414 6.89 13.02 -7.15
C LYS A 414 7.11 13.59 -5.76
N ILE A 415 8.27 14.18 -5.56
CA ILE A 415 8.58 14.77 -4.26
C ILE A 415 8.97 16.23 -4.50
N ILE A 416 8.34 17.11 -3.74
CA ILE A 416 8.60 18.54 -3.83
C ILE A 416 9.18 18.99 -2.50
N THR A 417 10.22 19.81 -2.54
CA THR A 417 10.80 20.29 -1.30
C THR A 417 11.17 21.78 -1.38
N ASN A 418 11.50 22.27 -0.20
CA ASN A 418 11.98 23.64 -0.03
C ASN A 418 13.50 23.43 -0.09
N HIS A 419 14.08 23.63 -1.28
CA HIS A 419 15.50 23.41 -1.47
C HIS A 419 16.38 24.03 -0.41
N SER A 420 16.02 25.22 0.08
CA SER A 420 16.84 25.85 1.11
C SER A 420 17.12 24.94 2.29
N ASP A 421 16.21 24.14 2.82
CA ASP A 421 16.54 23.30 3.98
C ASP A 421 16.29 21.81 3.80
N GLY A 422 15.72 21.41 2.67
CA GLY A 422 15.45 20.02 2.38
C GLY A 422 14.11 19.51 2.89
N THR A 423 13.33 20.36 3.54
CA THR A 423 12.01 19.97 4.07
C THR A 423 11.08 19.51 2.95
N VAL A 424 10.38 18.42 3.16
CA VAL A 424 9.44 17.90 2.16
C VAL A 424 8.10 18.62 2.24
N LEU A 425 7.67 19.25 1.15
CA LEU A 425 6.44 20.00 1.08
C LEU A 425 5.22 19.25 0.55
N GLY A 426 5.51 18.28 -0.31
CA GLY A 426 4.51 17.45 -0.94
C GLY A 426 5.07 16.21 -1.62
N VAL A 427 4.29 15.15 -1.53
CA VAL A 427 4.58 13.85 -2.13
C VAL A 427 3.32 13.49 -2.92
N HIS A 428 3.44 13.20 -4.21
CA HIS A 428 2.29 12.85 -5.04
C HIS A 428 2.57 11.55 -5.78
N LEU A 429 1.67 10.57 -5.70
CA LEU A 429 1.87 9.30 -6.38
C LEU A 429 0.70 8.92 -7.28
N LEU A 430 1.00 8.15 -8.30
CA LEU A 430 0.03 7.62 -9.25
C LEU A 430 0.42 6.14 -9.47
N GLY A 431 -0.54 5.24 -9.32
CA GLY A 431 -0.25 3.82 -9.49
C GLY A 431 -0.94 2.99 -8.42
N ASP A 432 -1.04 1.70 -8.66
CA ASP A 432 -1.66 0.75 -7.76
C ASP A 432 -1.15 0.89 -6.33
N ASN A 433 -2.09 0.83 -5.39
CA ASN A 433 -1.79 0.91 -3.98
C ASN A 433 -1.29 2.26 -3.48
N ALA A 434 -1.38 3.31 -4.30
CA ALA A 434 -0.94 4.62 -3.86
C ALA A 434 -1.65 5.08 -2.59
N PRO A 435 -2.96 4.92 -2.53
CA PRO A 435 -3.73 5.32 -1.37
C PRO A 435 -3.13 4.70 -0.12
N GLU A 436 -2.75 3.43 -0.19
CA GLU A 436 -2.16 2.81 0.98
C GLU A 436 -0.77 3.35 1.26
N ILE A 437 0.04 3.61 0.24
CA ILE A 437 1.39 4.12 0.44
C ILE A 437 1.46 5.49 1.10
N ILE A 438 0.56 6.39 0.72
CA ILE A 438 0.56 7.74 1.23
C ILE A 438 0.34 7.91 2.72
N GLN A 439 -0.36 6.99 3.40
CA GLN A 439 -0.62 7.12 4.81
C GLN A 439 0.57 7.36 5.72
N GLY A 440 1.54 6.47 5.76
CA GLY A 440 2.71 6.64 6.64
C GLY A 440 3.46 7.90 6.20
N ILE A 441 3.35 8.15 4.90
CA ILE A 441 3.99 9.33 4.32
C ILE A 441 3.31 10.57 4.90
N GLY A 442 2.03 10.46 5.28
CA GLY A 442 1.31 11.58 5.89
C GLY A 442 1.94 11.88 7.25
N ILE A 443 2.28 10.81 7.97
CA ILE A 443 2.91 10.94 9.29
C ILE A 443 4.26 11.64 9.11
N CYS A 444 5.00 11.26 8.08
CA CYS A 444 6.30 11.86 7.82
C CYS A 444 6.26 13.38 7.74
N LEU A 445 5.30 13.94 7.00
CA LEU A 445 5.23 15.39 6.90
C LEU A 445 4.68 16.02 8.17
N LYS A 446 4.21 15.23 9.13
CA LYS A 446 3.71 15.87 10.37
C LYS A 446 4.95 16.05 11.26
N LEU A 447 5.95 15.22 10.98
CA LEU A 447 7.21 15.21 11.71
C LEU A 447 8.29 16.06 11.04
N ASN A 448 7.87 16.90 10.11
CA ASN A 448 8.79 17.77 9.40
C ASN A 448 9.96 17.05 8.78
N ALA A 449 9.67 15.92 8.15
CA ALA A 449 10.70 15.11 7.49
C ALA A 449 11.35 15.94 6.38
N LYS A 450 12.56 15.54 6.01
CA LYS A 450 13.26 16.23 4.93
C LYS A 450 13.73 15.14 3.97
N ILE A 451 13.85 15.48 2.70
CA ILE A 451 14.26 14.57 1.67
C ILE A 451 15.33 13.57 2.07
N SER A 452 16.32 13.97 2.87
CA SER A 452 17.37 13.06 3.28
C SER A 452 16.87 11.95 4.18
N ASP A 453 15.83 12.23 4.96
CA ASP A 453 15.25 11.24 5.86
C ASP A 453 14.62 10.14 5.00
N PHE A 454 14.15 10.55 3.82
CA PHE A 454 13.56 9.54 2.94
C PHE A 454 14.70 8.66 2.45
N TYR A 455 15.55 9.18 1.56
CA TYR A 455 16.66 8.45 1.02
C TYR A 455 17.65 7.82 1.96
N ASN A 456 17.64 8.09 3.25
CA ASN A 456 18.59 7.44 4.17
C ASN A 456 17.85 6.25 4.80
N THR A 457 16.61 6.07 4.35
CA THR A 457 15.83 4.95 4.88
C THR A 457 16.13 3.77 3.96
N ILE A 458 16.19 2.58 4.52
CA ILE A 458 16.49 1.44 3.63
C ILE A 458 15.16 1.03 3.03
N GLY A 459 15.08 0.74 1.74
CA GLY A 459 13.79 0.39 1.17
C GLY A 459 13.32 -1.03 1.44
N VAL A 460 12.04 -1.24 1.21
CA VAL A 460 11.41 -2.55 1.33
C VAL A 460 11.39 -3.04 -0.12
N HIS A 461 12.03 -4.16 -0.39
CA HIS A 461 12.09 -4.66 -1.76
C HIS A 461 11.54 -6.06 -1.94
N PRO A 462 10.85 -6.27 -3.04
CA PRO A 462 10.56 -5.26 -4.05
C PRO A 462 9.12 -4.76 -3.85
N THR A 463 8.92 -3.45 -3.96
CA THR A 463 7.62 -2.84 -3.78
C THR A 463 7.63 -1.53 -4.59
N SER A 464 6.48 -0.91 -4.84
CA SER A 464 6.53 0.37 -5.57
C SER A 464 7.02 1.45 -4.59
N ALA A 465 6.45 1.43 -3.39
CA ALA A 465 6.79 2.38 -2.34
C ALA A 465 8.27 2.69 -2.23
N GLU A 466 9.11 1.66 -2.40
CA GLU A 466 10.55 1.85 -2.27
C GLU A 466 11.11 2.98 -3.11
N GLU A 467 10.49 3.30 -4.25
CA GLU A 467 11.03 4.39 -5.06
C GLU A 467 11.18 5.65 -4.21
N LEU A 468 10.19 5.95 -3.38
CA LEU A 468 10.25 7.14 -2.54
C LEU A 468 11.55 7.25 -1.76
N CYS A 469 12.14 6.11 -1.40
CA CYS A 469 13.39 6.18 -0.64
C CYS A 469 14.61 6.21 -1.55
N SER A 470 14.42 6.44 -2.85
CA SER A 470 15.60 6.44 -3.71
C SER A 470 15.70 7.58 -4.70
N MET A 471 15.15 8.72 -4.34
CA MET A 471 15.22 9.92 -5.19
C MET A 471 16.23 10.85 -4.52
N ARG A 472 17.44 10.98 -5.06
CA ARG A 472 18.44 11.82 -4.41
C ARG A 472 18.74 13.16 -5.05
N THR A 473 18.53 13.24 -6.35
CA THR A 473 18.80 14.41 -7.16
C THR A 473 17.58 14.97 -7.86
N PRO A 474 17.31 16.24 -7.63
CA PRO A 474 16.17 16.93 -8.21
C PRO A 474 16.27 16.97 -9.72
N SER A 475 15.10 16.87 -10.39
CA SER A 475 15.10 16.91 -11.84
C SER A 475 15.13 18.37 -12.29
N TYR A 476 14.51 19.24 -11.49
CA TYR A 476 14.47 20.65 -11.83
C TYR A 476 14.11 21.48 -10.61
N TYR A 477 14.17 22.81 -10.75
CA TYR A 477 13.88 23.67 -9.62
C TYR A 477 13.00 24.84 -10.05
N TYR A 478 12.53 25.55 -9.04
CA TYR A 478 11.74 26.74 -9.27
C TYR A 478 12.48 27.80 -8.43
N VAL A 479 12.98 28.79 -9.16
CA VAL A 479 13.69 29.86 -8.43
C VAL A 479 12.80 31.07 -8.66
N LYS A 480 12.21 31.54 -7.57
CA LYS A 480 11.27 32.66 -7.67
C LYS A 480 10.36 32.42 -8.86
N GLY A 481 9.67 31.28 -8.82
CA GLY A 481 8.74 30.88 -9.85
C GLY A 481 9.29 30.56 -11.21
N GLU A 482 10.58 30.73 -11.48
CA GLU A 482 11.05 30.38 -12.83
C GLU A 482 11.64 28.97 -12.72
N LYS A 483 11.65 28.23 -13.81
CA LYS A 483 12.18 26.87 -13.81
C LYS A 483 13.66 26.85 -14.19
N MET A 484 14.49 26.37 -13.28
CA MET A 484 15.93 26.29 -13.59
C MET A 484 16.36 24.85 -13.67
N GLU A 485 17.58 24.61 -14.13
CA GLU A 485 18.14 23.27 -14.27
C GLU A 485 19.66 23.37 -14.08
N LYS A 486 20.30 22.25 -13.75
CA LYS A 486 21.74 22.21 -13.55
C LYS A 486 22.40 21.77 -14.86
N PRO A 487 23.26 22.66 -15.38
CA PRO A 487 23.95 22.35 -16.63
C PRO A 487 24.65 21.00 -16.56
N SER A 488 25.30 20.72 -15.53
N ILE B 5 47.13 -3.18 -11.40
CA ILE B 5 46.41 -2.99 -12.65
C ILE B 5 44.93 -2.74 -12.44
N PHE B 6 44.51 -2.71 -11.19
CA PHE B 6 43.11 -2.46 -10.85
C PHE B 6 43.08 -1.83 -9.45
N ASP B 7 42.14 -0.91 -9.25
CA ASP B 7 42.04 -0.28 -7.93
C ASP B 7 41.23 -1.26 -7.06
N LEU B 8 40.09 -1.62 -7.65
CA LEU B 8 39.15 -2.51 -7.00
C LEU B 8 38.69 -3.72 -7.81
N VAL B 9 38.65 -4.84 -7.10
CA VAL B 9 38.18 -6.11 -7.65
C VAL B 9 37.07 -6.62 -6.73
N VAL B 10 35.90 -6.81 -7.31
CA VAL B 10 34.78 -7.31 -6.54
C VAL B 10 34.58 -8.78 -6.93
N ILE B 11 34.36 -9.66 -5.98
CA ILE B 11 34.13 -11.06 -6.40
C ILE B 11 32.62 -11.22 -6.24
N GLY B 12 31.91 -11.36 -7.33
CA GLY B 12 30.44 -11.48 -7.28
C GLY B 12 29.81 -10.25 -7.94
N ALA B 13 28.90 -10.46 -8.87
CA ALA B 13 28.27 -9.31 -9.52
C ALA B 13 26.80 -9.24 -9.07
N GLY B 14 26.61 -9.43 -7.77
CA GLY B 14 25.27 -9.38 -7.20
C GLY B 14 24.83 -7.94 -6.97
N SER B 15 23.91 -7.80 -6.03
CA SER B 15 23.39 -6.47 -5.70
C SER B 15 24.46 -5.65 -5.01
N GLY B 16 25.09 -6.19 -3.97
CA GLY B 16 26.14 -5.43 -3.28
C GLY B 16 27.25 -5.11 -4.30
N GLY B 17 27.85 -6.17 -4.82
CA GLY B 17 28.91 -6.10 -5.79
C GLY B 17 28.68 -5.04 -6.85
N LEU B 18 27.72 -5.26 -7.74
CA LEU B 18 27.47 -4.26 -8.76
C LEU B 18 27.38 -2.89 -8.10
N GLU B 19 26.47 -2.70 -7.13
CA GLU B 19 26.41 -1.38 -6.51
C GLU B 19 27.80 -0.85 -6.19
N ALA B 20 28.64 -1.62 -5.51
CA ALA B 20 29.98 -1.14 -5.17
C ALA B 20 30.81 -0.82 -6.40
N ALA B 21 30.72 -1.66 -7.44
CA ALA B 21 31.49 -1.42 -8.65
C ALA B 21 31.02 -0.05 -9.19
N TRP B 22 29.85 -0.08 -9.82
CA TRP B 22 29.23 1.11 -10.35
C TRP B 22 29.65 2.38 -9.63
N ASN B 23 29.39 2.46 -8.33
CA ASN B 23 29.74 3.63 -7.54
C ASN B 23 31.23 3.96 -7.63
N ALA B 24 32.10 2.96 -7.52
CA ALA B 24 33.53 3.21 -7.57
C ALA B 24 33.99 3.80 -8.90
N ALA B 25 33.55 3.23 -10.01
CA ALA B 25 33.93 3.67 -11.34
C ALA B 25 33.32 5.00 -11.78
N THR B 26 32.18 5.36 -11.23
CA THR B 26 31.48 6.59 -11.59
C THR B 26 31.76 7.81 -10.75
N LEU B 27 31.56 7.71 -9.44
CA LEU B 27 31.78 8.84 -8.55
C LEU B 27 33.24 8.95 -8.10
N TYR B 28 34.04 7.91 -8.34
CA TYR B 28 35.43 7.97 -7.88
C TYR B 28 36.42 7.69 -8.98
N LYS B 29 35.90 7.49 -10.20
CA LYS B 29 36.76 7.21 -11.34
C LYS B 29 37.87 6.23 -10.98
N LYS B 30 37.50 5.03 -10.58
CA LYS B 30 38.51 4.02 -10.25
C LYS B 30 38.42 2.92 -11.30
N ARG B 31 39.50 2.14 -11.44
CA ARG B 31 39.46 1.05 -12.42
C ARG B 31 38.91 -0.14 -11.63
N VAL B 32 37.72 -0.59 -12.04
CA VAL B 32 37.11 -1.70 -11.32
C VAL B 32 36.96 -2.97 -12.13
N ALA B 33 37.27 -4.08 -11.48
CA ALA B 33 37.17 -5.39 -12.11
C ALA B 33 36.09 -6.15 -11.34
N VAL B 34 35.16 -6.76 -12.06
CA VAL B 34 34.07 -7.48 -11.38
C VAL B 34 33.99 -8.92 -11.87
N ILE B 35 33.81 -9.89 -10.97
CA ILE B 35 33.76 -11.28 -11.36
C ILE B 35 32.50 -12.06 -11.06
N ASP B 36 31.95 -12.77 -12.04
CA ASP B 36 30.78 -13.61 -11.85
C ASP B 36 30.91 -14.88 -12.68
N VAL B 37 30.28 -15.96 -12.25
CA VAL B 37 30.37 -17.24 -12.90
C VAL B 37 29.44 -17.53 -14.07
N GLN B 38 28.48 -16.66 -14.37
CA GLN B 38 27.56 -16.88 -15.47
C GLN B 38 27.03 -15.53 -15.95
N MET B 39 26.72 -15.36 -17.23
CA MET B 39 26.21 -14.07 -17.70
C MET B 39 24.68 -14.00 -17.54
N VAL B 40 24.01 -15.06 -17.96
CA VAL B 40 22.55 -15.09 -17.87
C VAL B 40 22.11 -16.15 -16.86
N HIS B 41 20.89 -16.04 -16.39
CA HIS B 41 20.30 -16.92 -15.40
C HIS B 41 20.16 -18.40 -15.71
N GLY B 42 19.70 -19.19 -14.73
CA GLY B 42 19.50 -20.61 -14.89
C GLY B 42 20.64 -21.52 -14.49
N PRO B 43 20.40 -22.84 -14.55
CA PRO B 43 21.42 -23.84 -14.23
C PRO B 43 22.52 -23.70 -15.29
N PRO B 44 23.71 -24.19 -15.00
CA PRO B 44 24.02 -24.92 -13.79
C PRO B 44 24.36 -24.18 -12.52
N PHE B 45 24.80 -22.93 -12.58
CA PHE B 45 25.15 -22.19 -11.37
C PHE B 45 24.00 -21.38 -10.82
N PHE B 46 22.90 -21.30 -11.57
CA PHE B 46 21.71 -20.57 -11.17
C PHE B 46 21.87 -19.07 -11.11
N SER B 47 22.82 -18.61 -10.31
CA SER B 47 23.08 -17.17 -10.19
C SER B 47 23.83 -16.70 -11.44
N ALA B 48 23.96 -15.40 -11.63
CA ALA B 48 24.66 -14.85 -12.79
C ALA B 48 24.85 -13.34 -12.62
N LEU B 49 25.11 -12.68 -13.73
CA LEU B 49 25.26 -11.21 -13.70
C LEU B 49 23.93 -10.74 -13.09
N GLY B 50 23.90 -9.96 -12.02
CA GLY B 50 22.61 -9.58 -11.47
C GLY B 50 22.38 -10.12 -10.07
N GLY B 51 22.98 -11.26 -9.73
CA GLY B 51 22.88 -11.88 -8.43
C GLY B 51 21.58 -12.55 -8.09
N THR B 52 21.48 -13.02 -6.84
CA THR B 52 20.29 -13.68 -6.35
C THR B 52 19.06 -12.82 -6.58
N CYS B 53 19.05 -11.55 -6.20
CA CYS B 53 17.87 -10.71 -6.42
C CYS B 53 17.36 -10.83 -7.85
N VAL B 54 18.25 -10.68 -8.83
CA VAL B 54 17.85 -10.75 -10.22
C VAL B 54 17.42 -12.10 -10.76
N ASN B 55 18.25 -13.11 -10.56
CA ASN B 55 18.04 -14.43 -11.08
C ASN B 55 17.28 -15.50 -10.34
N VAL B 56 17.48 -15.59 -9.03
CA VAL B 56 16.79 -16.61 -8.24
C VAL B 56 16.30 -16.07 -6.90
N GLY B 57 15.91 -14.81 -6.80
CA GLY B 57 15.43 -14.26 -5.54
C GLY B 57 14.24 -13.33 -5.70
N CYS B 58 14.43 -12.09 -5.28
CA CYS B 58 13.49 -11.01 -5.30
C CYS B 58 12.65 -10.81 -6.55
N VAL B 59 13.32 -10.61 -7.68
CA VAL B 59 12.58 -10.39 -8.92
C VAL B 59 11.63 -11.50 -9.29
N PRO B 60 12.13 -12.68 -9.62
CA PRO B 60 11.29 -13.80 -9.99
C PRO B 60 10.28 -14.20 -8.93
N LYS B 61 10.60 -14.16 -7.64
CA LYS B 61 9.58 -14.57 -6.66
C LYS B 61 8.42 -13.59 -6.73
N LYS B 62 8.71 -12.29 -6.79
CA LYS B 62 7.62 -11.33 -6.90
C LYS B 62 6.78 -11.63 -8.15
N LEU B 63 7.38 -11.97 -9.29
CA LEU B 63 6.56 -12.26 -10.46
C LEU B 63 5.63 -13.44 -10.17
N MET B 64 6.19 -14.48 -9.55
CA MET B 64 5.41 -15.67 -9.22
C MET B 64 4.35 -15.42 -8.18
N VAL B 65 4.68 -14.79 -7.06
CA VAL B 65 3.66 -14.50 -6.04
C VAL B 65 2.54 -13.67 -6.68
N THR B 66 2.93 -12.69 -7.49
CA THR B 66 1.92 -11.87 -8.17
C THR B 66 1.03 -12.87 -8.93
N GLY B 67 1.65 -13.83 -9.62
CA GLY B 67 0.87 -14.82 -10.35
C GLY B 67 0.00 -15.60 -9.36
N ALA B 68 0.61 -16.11 -8.29
CA ALA B 68 -0.17 -16.87 -7.33
C ALA B 68 -1.37 -16.09 -6.79
N GLN B 69 -1.26 -14.78 -6.65
CA GLN B 69 -2.35 -13.98 -6.10
C GLN B 69 -3.62 -13.98 -6.92
N TYR B 70 -3.50 -14.13 -8.25
CA TYR B 70 -4.67 -14.16 -9.11
C TYR B 70 -5.68 -15.20 -8.68
N MET B 71 -5.26 -16.26 -7.99
CA MET B 71 -6.22 -17.25 -7.54
C MET B 71 -7.23 -16.59 -6.59
N GLU B 72 -6.76 -15.67 -5.76
CA GLU B 72 -7.61 -14.96 -4.81
C GLU B 72 -8.58 -14.01 -5.50
N HIS B 73 -8.05 -13.20 -6.42
CA HIS B 73 -8.89 -12.26 -7.16
C HIS B 73 -9.93 -13.01 -7.99
N LEU B 74 -9.51 -14.08 -8.67
CA LEU B 74 -10.45 -14.83 -9.49
C LEU B 74 -11.54 -15.44 -8.62
N ARG B 75 -11.16 -15.86 -7.40
CA ARG B 75 -12.19 -16.43 -6.54
C ARG B 75 -13.07 -15.31 -5.99
N GLU B 76 -12.43 -14.31 -5.39
CA GLU B 76 -13.10 -13.16 -4.81
C GLU B 76 -13.90 -12.30 -5.74
N SER B 77 -13.61 -12.29 -7.05
CA SER B 77 -14.36 -11.47 -7.99
C SER B 77 -15.85 -11.78 -7.98
N ALA B 78 -16.19 -13.02 -7.67
CA ALA B 78 -17.57 -13.47 -7.62
C ALA B 78 -18.44 -12.62 -6.71
N GLY B 79 -17.96 -12.22 -5.54
CA GLY B 79 -18.74 -11.45 -4.61
C GLY B 79 -19.16 -10.05 -5.04
N PHE B 80 -18.58 -9.52 -6.11
CA PHE B 80 -18.87 -8.20 -6.62
C PHE B 80 -19.61 -8.26 -7.96
N GLY B 81 -20.22 -9.38 -8.29
CA GLY B 81 -20.95 -9.52 -9.54
C GLY B 81 -20.17 -10.02 -10.73
N TRP B 82 -18.99 -10.58 -10.54
CA TRP B 82 -18.22 -11.09 -11.67
C TRP B 82 -18.42 -12.57 -11.90
N GLU B 83 -18.98 -12.91 -13.06
CA GLU B 83 -19.20 -14.31 -13.38
C GLU B 83 -18.55 -14.72 -14.70
N PHE B 84 -18.31 -16.02 -14.77
CA PHE B 84 -17.70 -16.66 -15.93
C PHE B 84 -17.80 -18.16 -15.74
N ASP B 85 -17.37 -18.96 -16.71
CA ASP B 85 -17.45 -20.41 -16.51
C ASP B 85 -16.26 -20.89 -15.71
N ARG B 86 -16.38 -20.84 -14.39
CA ARG B 86 -15.32 -21.26 -13.49
C ARG B 86 -14.75 -22.63 -13.80
N THR B 87 -15.54 -23.54 -14.37
CA THR B 87 -15.09 -24.87 -14.72
C THR B 87 -14.07 -24.87 -15.86
N THR B 88 -13.90 -23.76 -16.55
CA THR B 88 -12.92 -23.68 -17.63
C THR B 88 -11.61 -23.08 -17.12
N LEU B 89 -11.56 -22.83 -15.82
CA LEU B 89 -10.39 -22.22 -15.20
C LEU B 89 -9.20 -23.13 -14.93
N ARG B 90 -8.05 -22.75 -15.49
CA ARG B 90 -6.83 -23.51 -15.30
C ARG B 90 -5.61 -22.59 -15.22
N ALA B 91 -4.57 -23.04 -14.52
CA ALA B 91 -3.37 -22.22 -14.39
C ALA B 91 -2.22 -22.83 -15.18
N GLU B 92 -1.57 -22.06 -16.04
CA GLU B 92 -0.48 -22.58 -16.84
C GLU B 92 0.91 -22.29 -16.33
N TRP B 93 1.34 -23.11 -15.38
CA TRP B 93 2.67 -22.97 -14.80
C TRP B 93 3.69 -22.64 -15.89
N LYS B 94 3.59 -23.34 -17.03
CA LYS B 94 4.54 -23.11 -18.11
C LYS B 94 4.61 -21.68 -18.60
N ASN B 95 3.50 -20.99 -18.64
CA ASN B 95 3.47 -19.59 -19.09
C ASN B 95 4.21 -18.75 -18.06
N LEU B 96 3.83 -18.94 -16.79
CA LEU B 96 4.46 -18.21 -15.70
C LEU B 96 5.97 -18.28 -15.83
N ILE B 97 6.47 -19.51 -15.90
CA ILE B 97 7.91 -19.73 -16.04
C ILE B 97 8.41 -19.08 -17.31
N ALA B 98 7.67 -19.30 -18.40
CA ALA B 98 8.07 -18.70 -19.67
C ALA B 98 8.21 -17.19 -19.47
N VAL B 99 7.19 -16.43 -19.10
CA VAL B 99 7.38 -15.00 -18.93
C VAL B 99 8.43 -14.67 -17.87
N LYS B 100 8.48 -15.45 -16.79
CA LYS B 100 9.48 -15.16 -15.76
C LYS B 100 10.86 -15.11 -16.43
N ASP B 101 11.21 -16.16 -17.18
CA ASP B 101 12.50 -16.20 -17.84
C ASP B 101 12.77 -15.03 -18.78
N GLU B 102 11.78 -14.57 -19.55
CA GLU B 102 12.04 -13.44 -20.45
C GLU B 102 12.51 -12.23 -19.64
N ALA B 103 11.68 -11.90 -18.66
CA ALA B 103 11.93 -10.78 -17.77
C ALA B 103 13.32 -10.83 -17.17
N VAL B 104 13.68 -11.99 -16.64
CA VAL B 104 15.01 -12.13 -16.04
C VAL B 104 16.09 -11.92 -17.08
N LEU B 105 15.95 -12.59 -18.22
CA LEU B 105 16.91 -12.47 -19.31
C LEU B 105 17.13 -11.00 -19.68
N ASN B 106 16.06 -10.26 -19.96
CA ASN B 106 16.21 -8.86 -20.33
C ASN B 106 17.04 -8.09 -19.31
N ILE B 107 17.01 -8.51 -18.05
CA ILE B 107 17.79 -7.83 -17.01
C ILE B 107 19.23 -8.28 -17.04
N ASN B 108 19.44 -9.58 -17.30
CA ASN B 108 20.85 -10.02 -17.39
C ASN B 108 21.46 -9.20 -18.55
N LYS B 109 20.73 -9.15 -19.66
CA LYS B 109 21.18 -8.43 -20.83
C LYS B 109 21.51 -6.97 -20.58
N SER B 110 20.55 -6.28 -19.97
CA SER B 110 20.68 -4.87 -19.63
C SER B 110 21.94 -4.62 -18.82
N TYR B 111 22.28 -5.59 -17.98
CA TYR B 111 23.45 -5.52 -17.12
C TYR B 111 24.73 -5.64 -17.94
N ASP B 112 24.69 -6.50 -18.95
CA ASP B 112 25.85 -6.72 -19.82
C ASP B 112 26.17 -5.43 -20.58
N GLU B 113 25.13 -4.92 -21.22
CA GLU B 113 25.26 -3.67 -21.99
C GLU B 113 25.91 -2.65 -21.06
N MET B 114 25.50 -2.59 -19.79
CA MET B 114 26.07 -1.66 -18.84
C MET B 114 27.59 -1.70 -18.76
N PHE B 115 28.20 -2.88 -18.63
CA PHE B 115 29.66 -2.92 -18.56
C PHE B 115 30.28 -2.32 -19.83
N ARG B 116 29.63 -2.55 -20.96
CA ARG B 116 30.13 -2.03 -22.22
C ARG B 116 30.23 -0.50 -22.18
N ASP B 117 29.10 0.17 -22.00
CA ASP B 117 29.07 1.61 -21.96
C ASP B 117 29.70 2.27 -20.73
N THR B 118 30.27 1.52 -19.81
CA THR B 118 30.88 2.15 -18.65
C THR B 118 32.38 1.90 -18.62
N GLU B 119 33.08 3.03 -18.65
CA GLU B 119 34.54 3.04 -18.64
C GLU B 119 35.06 2.86 -17.22
N GLY B 120 36.08 2.01 -17.09
CA GLY B 120 36.67 1.74 -15.78
C GLY B 120 35.98 0.54 -15.12
N LEU B 121 34.97 0.03 -15.82
CA LEU B 121 34.21 -1.12 -15.33
C LEU B 121 34.38 -2.28 -16.30
N GLU B 122 35.07 -3.32 -15.86
CA GLU B 122 35.29 -4.48 -16.70
C GLU B 122 34.76 -5.76 -16.05
N PHE B 123 34.09 -6.58 -16.83
CA PHE B 123 33.52 -7.84 -16.34
C PHE B 123 34.37 -9.06 -16.69
N PHE B 124 34.51 -10.01 -15.77
CA PHE B 124 35.30 -11.21 -15.97
C PHE B 124 34.59 -12.51 -15.59
N LEU B 125 34.24 -13.30 -16.59
CA LEU B 125 33.56 -14.57 -16.45
C LEU B 125 34.42 -15.69 -15.92
N GLY B 126 34.00 -16.26 -14.78
CA GLY B 126 34.76 -17.37 -14.20
C GLY B 126 34.69 -17.34 -12.68
N TRP B 127 35.38 -18.30 -12.07
CA TRP B 127 35.41 -18.37 -10.61
C TRP B 127 36.58 -17.52 -10.14
N GLY B 128 36.38 -16.81 -9.03
CA GLY B 128 37.44 -15.95 -8.50
C GLY B 128 37.82 -16.37 -7.09
N SER B 129 39.09 -16.21 -6.79
CA SER B 129 39.62 -16.56 -5.47
C SER B 129 40.86 -15.70 -5.22
N LEU B 130 41.29 -15.71 -3.97
CA LEU B 130 42.47 -14.94 -3.59
C LEU B 130 43.74 -15.77 -3.65
N GLU B 131 44.75 -15.16 -4.30
CA GLU B 131 46.05 -15.83 -4.40
C GLU B 131 46.77 -15.26 -3.15
N SER B 132 46.70 -13.93 -3.12
CA SER B 132 47.31 -13.16 -2.04
C SER B 132 46.40 -11.98 -1.68
N LYS B 133 46.82 -11.23 -0.67
CA LYS B 133 46.05 -10.08 -0.25
C LYS B 133 45.89 -9.01 -1.32
N ASN B 134 46.56 -9.14 -2.46
CA ASN B 134 46.43 -8.22 -3.58
C ASN B 134 46.35 -8.98 -4.90
N VAL B 135 46.16 -10.29 -4.86
CA VAL B 135 46.07 -11.03 -6.11
C VAL B 135 44.80 -11.87 -6.18
N VAL B 136 44.01 -11.61 -7.22
CA VAL B 136 42.77 -12.36 -7.41
C VAL B 136 42.81 -13.09 -8.75
N ASN B 137 42.55 -14.39 -8.68
CA ASN B 137 42.55 -15.27 -9.83
C ASN B 137 41.18 -15.70 -10.34
N VAL B 138 41.00 -15.66 -11.65
CA VAL B 138 39.75 -16.11 -12.26
C VAL B 138 40.07 -17.47 -12.88
N ARG B 139 39.48 -18.54 -12.36
CA ARG B 139 39.73 -19.89 -12.89
C ARG B 139 38.48 -20.34 -13.63
N GLU B 140 38.54 -21.43 -14.39
CA GLU B 140 37.36 -21.88 -15.12
C GLU B 140 36.38 -22.66 -14.25
N SER B 141 36.77 -23.01 -13.03
CA SER B 141 35.91 -23.76 -12.13
C SER B 141 36.15 -23.45 -10.66
N ALA B 142 35.27 -24.01 -9.82
CA ALA B 142 35.34 -23.81 -8.38
C ALA B 142 36.56 -24.52 -7.79
N ASP B 143 37.11 -25.44 -8.57
CA ASP B 143 38.28 -26.19 -8.13
C ASP B 143 39.52 -25.33 -8.26
N PRO B 144 40.20 -25.12 -7.13
CA PRO B 144 41.42 -24.33 -7.08
C PRO B 144 42.53 -24.91 -7.93
N ALA B 145 42.29 -26.05 -8.56
CA ALA B 145 43.27 -26.70 -9.42
C ALA B 145 43.03 -26.30 -10.87
N SER B 146 41.75 -26.12 -11.22
CA SER B 146 41.38 -25.75 -12.57
C SER B 146 42.25 -24.60 -13.09
N ALA B 147 42.24 -24.43 -14.40
CA ALA B 147 43.00 -23.45 -15.12
C ALA B 147 42.80 -21.97 -14.86
N VAL B 148 43.86 -21.26 -14.47
CA VAL B 148 43.74 -19.81 -14.27
C VAL B 148 43.34 -19.28 -15.65
N LYS B 149 42.50 -18.26 -15.74
CA LYS B 149 42.12 -17.72 -17.03
C LYS B 149 42.33 -16.20 -17.00
N GLU B 150 42.82 -15.73 -15.86
CA GLU B 150 43.11 -14.34 -15.62
C GLU B 150 43.81 -14.23 -14.26
N ARG B 151 44.68 -13.24 -14.19
CA ARG B 151 45.44 -12.96 -12.97
C ARG B 151 45.31 -11.45 -12.79
N LEU B 152 44.48 -11.06 -11.83
CA LEU B 152 44.23 -9.65 -11.55
C LEU B 152 44.99 -9.17 -10.32
N GLU B 153 45.71 -8.08 -10.50
CA GLU B 153 46.51 -7.46 -9.44
C GLU B 153 45.75 -6.21 -8.99
N THR B 154 45.53 -6.01 -7.69
CA THR B 154 44.78 -4.80 -7.32
C THR B 154 45.13 -4.34 -5.92
N GLU B 155 44.77 -3.11 -5.57
CA GLU B 155 45.08 -2.58 -4.25
C GLU B 155 43.96 -2.92 -3.25
N HIS B 156 42.74 -2.93 -3.80
CA HIS B 156 41.58 -3.22 -2.98
C HIS B 156 40.76 -4.35 -3.59
N ILE B 157 40.27 -5.18 -2.66
CA ILE B 157 39.45 -6.33 -3.00
C ILE B 157 38.17 -6.28 -2.15
N LEU B 158 37.05 -6.49 -2.83
CA LEU B 158 35.77 -6.51 -2.13
C LEU B 158 35.13 -7.87 -2.34
N LEU B 159 34.76 -8.52 -1.25
CA LEU B 159 34.10 -9.82 -1.33
C LEU B 159 32.58 -9.65 -1.29
N ALA B 160 31.89 -10.23 -2.27
CA ALA B 160 30.43 -10.15 -2.31
C ALA B 160 29.83 -11.42 -2.91
N SER B 161 30.33 -12.60 -2.53
CA SER B 161 29.89 -13.88 -3.03
C SER B 161 28.52 -14.37 -2.64
N GLY B 162 27.75 -13.63 -1.87
CA GLY B 162 26.41 -14.04 -1.45
C GLY B 162 26.38 -15.28 -0.58
N SER B 163 25.20 -15.90 -0.50
CA SER B 163 24.97 -17.11 0.27
C SER B 163 24.45 -18.21 -0.65
N TRP B 164 24.10 -19.36 -0.08
CA TRP B 164 23.60 -20.47 -0.91
C TRP B 164 22.72 -21.32 0.00
N PRO B 165 21.77 -22.04 -0.58
CA PRO B 165 20.87 -22.87 0.20
C PRO B 165 21.72 -23.86 1.00
N HIS B 166 21.18 -24.23 2.15
CA HIS B 166 21.90 -25.18 2.99
C HIS B 166 21.14 -26.50 2.92
N MET B 167 21.81 -27.56 2.51
CA MET B 167 21.15 -28.87 2.42
C MET B 167 21.65 -29.69 3.60
N PRO B 168 20.72 -30.17 4.42
CA PRO B 168 21.07 -30.96 5.59
C PRO B 168 21.60 -32.32 5.20
N ASN B 169 22.44 -32.85 6.08
CA ASN B 169 23.02 -34.15 5.82
C ASN B 169 22.16 -35.32 6.28
N ILE B 170 21.05 -35.55 5.59
CA ILE B 170 20.16 -36.66 5.91
C ILE B 170 20.21 -37.58 4.70
N PRO B 171 19.88 -38.85 4.89
CA PRO B 171 19.91 -39.82 3.81
C PRO B 171 18.89 -39.50 2.72
N GLY B 172 19.33 -39.33 1.48
CA GLY B 172 18.39 -39.05 0.40
C GLY B 172 18.26 -37.59 0.02
N ILE B 173 19.06 -36.70 0.61
CA ILE B 173 19.00 -35.29 0.27
C ILE B 173 19.14 -35.10 -1.24
N GLU B 174 19.71 -36.10 -1.90
CA GLU B 174 19.89 -36.07 -3.33
C GLU B 174 18.54 -36.13 -4.04
N HIS B 175 17.48 -36.49 -3.34
CA HIS B 175 16.16 -36.54 -3.95
C HIS B 175 15.37 -35.26 -3.74
N CYS B 176 16.02 -34.30 -3.07
CA CYS B 176 15.37 -33.02 -2.80
C CYS B 176 15.98 -31.90 -3.63
N ILE B 177 15.31 -30.77 -3.63
CA ILE B 177 15.79 -29.59 -4.36
C ILE B 177 15.81 -28.41 -3.38
N SER B 178 16.41 -27.31 -3.81
CA SER B 178 16.46 -26.09 -2.99
C SER B 178 15.58 -25.08 -3.72
N SER B 179 15.56 -23.83 -3.30
CA SER B 179 14.73 -22.84 -4.00
C SER B 179 15.18 -22.64 -5.43
N ASN B 180 16.49 -22.75 -5.67
CA ASN B 180 17.05 -22.57 -7.00
C ASN B 180 16.31 -23.41 -8.04
N GLU B 181 16.33 -24.72 -7.87
CA GLU B 181 15.64 -25.59 -8.81
C GLU B 181 14.19 -25.18 -9.02
N ALA B 182 13.49 -24.79 -7.97
CA ALA B 182 12.10 -24.39 -8.04
C ALA B 182 11.76 -23.36 -9.10
N PHE B 183 12.64 -22.44 -9.44
CA PHE B 183 12.37 -21.43 -10.46
C PHE B 183 12.44 -22.01 -11.87
N TYR B 184 12.86 -23.27 -12.00
CA TYR B 184 12.98 -23.90 -13.30
C TYR B 184 12.12 -25.13 -13.48
N LEU B 185 11.24 -25.47 -12.54
CA LEU B 185 10.40 -26.64 -12.69
C LEU B 185 9.63 -26.61 -14.00
N PRO B 186 9.68 -27.70 -14.75
CA PRO B 186 8.98 -27.81 -16.02
C PRO B 186 7.49 -28.05 -15.83
N GLU B 187 7.07 -28.54 -14.67
CA GLU B 187 5.67 -28.83 -14.35
C GLU B 187 5.44 -28.63 -12.85
N PRO B 188 4.25 -28.19 -12.46
CA PRO B 188 3.93 -27.98 -11.06
C PRO B 188 3.60 -29.29 -10.37
N PRO B 189 4.27 -29.56 -9.25
CA PRO B 189 4.05 -30.79 -8.50
C PRO B 189 2.61 -30.95 -8.05
N ARG B 190 2.14 -32.19 -7.99
CA ARG B 190 0.77 -32.42 -7.54
C ARG B 190 0.82 -32.38 -6.01
N ARG B 191 1.75 -33.14 -5.44
CA ARG B 191 1.93 -33.17 -3.99
C ARG B 191 3.32 -32.60 -3.70
N VAL B 192 3.40 -31.45 -3.05
CA VAL B 192 4.74 -30.93 -2.77
C VAL B 192 4.91 -30.74 -1.27
N LEU B 193 6.16 -30.89 -0.83
CA LEU B 193 6.51 -30.68 0.57
C LEU B 193 7.60 -29.61 0.56
N THR B 194 7.41 -28.55 1.33
CA THR B 194 8.42 -27.50 1.41
C THR B 194 8.96 -27.66 2.84
N VAL B 195 10.25 -27.67 3.02
CA VAL B 195 10.78 -27.85 4.37
C VAL B 195 11.38 -26.57 4.89
N GLY B 196 10.85 -26.05 6.00
CA GLY B 196 11.38 -24.79 6.53
C GLY B 196 10.26 -23.90 7.06
N GLY B 197 10.53 -23.17 8.14
CA GLY B 197 9.50 -22.31 8.72
C GLY B 197 9.63 -20.87 8.25
N GLY B 198 10.72 -20.55 7.58
CA GLY B 198 11.05 -19.24 7.09
C GLY B 198 10.30 -18.72 5.88
N PHE B 199 10.61 -17.47 5.52
CA PHE B 199 9.97 -16.79 4.41
C PHE B 199 10.01 -17.56 3.12
N ILE B 200 11.17 -17.99 2.67
CA ILE B 200 11.27 -18.75 1.43
C ILE B 200 10.28 -19.89 1.37
N SER B 201 10.23 -20.67 2.43
CA SER B 201 9.31 -21.82 2.51
C SER B 201 7.87 -21.35 2.40
N VAL B 202 7.50 -20.40 3.26
CA VAL B 202 6.16 -19.83 3.26
C VAL B 202 5.76 -19.25 1.91
N GLU B 203 6.61 -18.43 1.31
CA GLU B 203 6.32 -17.81 0.02
C GLU B 203 6.09 -18.86 -1.05
N PHE B 204 6.98 -19.85 -1.16
CA PHE B 204 6.83 -20.90 -2.15
C PHE B 204 5.58 -21.75 -1.93
N ALA B 205 5.24 -22.02 -0.68
CA ALA B 205 4.04 -22.81 -0.40
C ALA B 205 2.85 -22.08 -1.02
N GLY B 206 2.88 -20.75 -0.90
CA GLY B 206 1.80 -19.94 -1.47
C GLY B 206 1.76 -20.13 -2.99
N ILE B 207 2.94 -20.06 -3.61
CA ILE B 207 3.07 -20.21 -5.04
C ILE B 207 2.60 -21.58 -5.51
N PHE B 208 3.09 -22.64 -4.87
CA PHE B 208 2.71 -23.98 -5.28
C PHE B 208 1.23 -24.25 -5.07
N ASN B 209 0.65 -23.69 -4.02
CA ASN B 209 -0.75 -23.91 -3.75
C ASN B 209 -1.68 -23.35 -4.83
N ALA B 210 -1.24 -22.28 -5.50
CA ALA B 210 -2.06 -21.66 -6.52
C ALA B 210 -2.04 -22.38 -7.86
N TYR B 211 -0.87 -22.78 -8.32
CA TYR B 211 -0.72 -23.47 -9.59
C TYR B 211 -0.68 -24.99 -9.45
N LYS B 212 -1.26 -25.52 -8.39
CA LYS B 212 -1.27 -26.96 -8.16
C LYS B 212 -2.39 -27.65 -8.92
N PRO B 213 -2.09 -28.80 -9.52
CA PRO B 213 -3.06 -29.57 -10.26
C PRO B 213 -4.31 -29.94 -9.48
N LYS B 214 -5.30 -30.50 -10.16
CA LYS B 214 -6.57 -30.93 -9.65
C LYS B 214 -6.66 -31.39 -8.22
N ASP B 215 -6.02 -32.49 -7.84
CA ASP B 215 -6.08 -32.95 -6.46
C ASP B 215 -4.68 -32.82 -5.85
N GLY B 216 -4.08 -31.66 -6.14
CA GLY B 216 -2.74 -31.38 -5.61
C GLY B 216 -2.93 -31.12 -4.11
N GLN B 217 -1.80 -30.89 -3.46
CA GLN B 217 -1.77 -30.61 -2.04
C GLN B 217 -0.36 -30.11 -1.73
N VAL B 218 -0.34 -29.06 -0.93
CA VAL B 218 0.92 -28.45 -0.50
C VAL B 218 1.01 -28.71 1.00
N THR B 219 2.14 -29.27 1.43
CA THR B 219 2.37 -29.58 2.84
C THR B 219 3.63 -28.81 3.25
N LEU B 220 3.57 -28.05 4.33
CA LEU B 220 4.72 -27.28 4.79
C LEU B 220 5.13 -27.84 6.16
N CYS B 221 6.40 -28.17 6.36
CA CYS B 221 6.73 -28.66 7.69
C CYS B 221 7.84 -27.84 8.31
N TYR B 222 7.80 -27.81 9.62
CA TYR B 222 8.78 -27.06 10.41
C TYR B 222 9.06 -27.82 11.71
N ARG B 223 10.31 -27.78 12.11
CA ARG B 223 10.78 -28.44 13.31
C ARG B 223 10.33 -27.73 14.58
N GLY B 224 10.11 -26.42 14.52
CA GLY B 224 9.70 -25.64 15.67
C GLY B 224 8.20 -25.65 15.93
N GLU B 225 7.77 -24.87 16.91
CA GLU B 225 6.39 -24.77 17.33
C GLU B 225 5.41 -24.17 16.33
N MET B 226 5.84 -23.11 15.66
CA MET B 226 4.96 -22.43 14.70
C MET B 226 5.83 -21.73 13.65
N ILE B 227 5.32 -21.55 12.43
CA ILE B 227 6.13 -20.91 11.41
C ILE B 227 6.55 -19.49 11.76
N LEU B 228 7.46 -19.00 10.92
CA LEU B 228 8.03 -17.69 10.97
C LEU B 228 8.66 -17.23 12.27
N ARG B 229 9.60 -18.04 12.74
CA ARG B 229 10.34 -17.71 13.95
C ARG B 229 11.03 -16.37 13.70
N GLY B 230 11.05 -15.53 14.73
CA GLY B 230 11.67 -14.22 14.65
C GLY B 230 10.68 -13.12 14.31
N PHE B 231 9.43 -13.45 14.02
CA PHE B 231 8.40 -12.45 13.68
C PHE B 231 7.38 -12.33 14.81
N ASP B 232 6.58 -11.27 14.82
CA ASP B 232 5.58 -11.08 15.87
C ASP B 232 4.74 -12.33 16.07
N HIS B 233 4.50 -12.73 17.32
CA HIS B 233 3.71 -13.93 17.58
C HIS B 233 2.30 -13.83 17.05
N THR B 234 1.70 -12.64 17.07
CA THR B 234 0.33 -12.50 16.57
C THR B 234 0.27 -12.79 15.08
N LEU B 235 1.28 -12.34 14.33
CA LEU B 235 1.28 -12.59 12.89
C LEU B 235 1.51 -14.06 12.63
N ARG B 236 2.44 -14.67 13.38
CA ARG B 236 2.70 -16.09 13.19
C ARG B 236 1.40 -16.88 13.39
N GLU B 237 0.65 -16.54 14.45
CA GLU B 237 -0.60 -17.22 14.72
C GLU B 237 -1.63 -16.98 13.61
N GLU B 238 -1.89 -15.71 13.30
CA GLU B 238 -2.86 -15.38 12.27
C GLU B 238 -2.50 -15.94 10.90
N LEU B 239 -1.21 -15.81 10.55
CA LEU B 239 -0.75 -16.29 9.26
C LEU B 239 -1.00 -17.77 9.07
N THR B 240 -0.85 -18.51 10.17
CA THR B 240 -1.06 -19.95 10.15
C THR B 240 -2.52 -20.27 9.90
N LYS B 241 -3.47 -19.59 10.54
CA LYS B 241 -4.86 -19.89 10.26
C LYS B 241 -5.19 -19.52 8.81
N GLN B 242 -4.68 -18.38 8.33
CA GLN B 242 -4.98 -18.00 6.95
C GLN B 242 -4.39 -18.97 5.95
N LEU B 243 -3.12 -19.32 6.10
CA LEU B 243 -2.51 -20.28 5.18
C LEU B 243 -3.29 -21.59 5.19
N THR B 244 -3.70 -22.00 6.37
CA THR B 244 -4.47 -23.22 6.56
C THR B 244 -5.77 -23.16 5.79
N ALA B 245 -6.59 -22.15 6.02
CA ALA B 245 -7.86 -21.97 5.35
C ALA B 245 -7.73 -21.88 3.83
N ASN B 246 -6.52 -21.72 3.31
CA ASN B 246 -6.33 -21.65 1.87
C ASN B 246 -5.98 -23.04 1.35
N GLY B 247 -6.08 -24.01 2.25
CA GLY B 247 -5.82 -25.39 1.94
C GLY B 247 -4.37 -25.81 2.04
N ILE B 248 -3.51 -25.07 2.73
CA ILE B 248 -2.12 -25.52 2.82
C ILE B 248 -1.99 -26.31 4.12
N GLN B 249 -1.34 -27.46 4.04
CA GLN B 249 -1.18 -28.25 5.26
C GLN B 249 0.17 -27.96 5.90
N ILE B 250 0.11 -27.63 7.18
CA ILE B 250 1.28 -27.29 7.95
C ILE B 250 1.56 -28.28 9.07
N LEU B 251 2.74 -28.88 9.00
CA LEU B 251 3.14 -29.85 10.02
C LEU B 251 4.13 -29.14 10.94
N THR B 252 3.77 -29.04 12.21
CA THR B 252 4.72 -28.39 13.13
C THR B 252 5.34 -29.48 13.97
N LYS B 253 6.57 -29.26 14.44
CA LYS B 253 7.26 -30.26 15.25
C LYS B 253 7.58 -31.50 14.44
N GLU B 254 7.65 -31.39 13.12
CA GLU B 254 7.99 -32.53 12.28
C GLU B 254 9.31 -32.21 11.56
N ASN B 255 10.21 -33.18 11.56
CA ASN B 255 11.50 -33.00 10.92
C ASN B 255 11.92 -34.25 10.16
N PRO B 256 11.99 -34.12 8.84
CA PRO B 256 12.36 -35.20 7.96
C PRO B 256 13.57 -36.00 8.43
N ALA B 257 13.46 -37.32 8.38
CA ALA B 257 14.57 -38.19 8.79
C ALA B 257 15.31 -38.68 7.55
N LYS B 258 14.53 -39.10 6.55
CA LYS B 258 15.12 -39.58 5.30
C LYS B 258 14.09 -39.51 4.17
N VAL B 259 14.60 -39.43 2.95
CA VAL B 259 13.78 -39.36 1.75
C VAL B 259 14.16 -40.59 0.90
N GLU B 260 13.20 -41.37 0.49
CA GLU B 260 13.52 -42.54 -0.33
C GLU B 260 12.78 -42.38 -1.65
N LEU B 261 13.41 -42.80 -2.73
CA LEU B 261 12.78 -42.66 -4.05
C LEU B 261 12.00 -43.90 -4.47
N ASN B 262 10.67 -43.88 -4.38
CA ASN B 262 9.88 -45.04 -4.79
C ASN B 262 9.99 -45.30 -6.29
N ALA B 263 9.42 -46.44 -6.68
CA ALA B 263 9.40 -46.91 -8.05
C ALA B 263 8.61 -46.03 -9.00
N ASP B 264 7.49 -45.46 -8.57
CA ASP B 264 6.72 -44.59 -9.45
C ASP B 264 7.42 -43.26 -9.66
N GLY B 265 8.50 -43.03 -8.92
CA GLY B 265 9.26 -41.79 -9.04
C GLY B 265 8.99 -40.85 -7.87
N SER B 266 7.88 -41.12 -7.20
CA SER B 266 7.50 -40.31 -6.03
C SER B 266 8.64 -40.42 -5.03
N LYS B 267 8.48 -39.70 -3.94
CA LYS B 267 9.48 -39.72 -2.89
C LYS B 267 8.75 -40.08 -1.59
N SER B 268 9.33 -41.00 -0.86
CA SER B 268 8.66 -41.34 0.41
C SER B 268 9.44 -40.52 1.44
N VAL B 269 8.77 -39.85 2.36
CA VAL B 269 9.51 -39.07 3.35
C VAL B 269 9.20 -39.71 4.71
N THR B 270 10.22 -39.92 5.52
CA THR B 270 9.98 -40.50 6.84
C THR B 270 10.41 -39.40 7.83
N PHE B 271 9.49 -39.07 8.72
CA PHE B 271 9.80 -38.04 9.71
C PHE B 271 10.30 -38.73 10.98
N GLU B 272 11.16 -38.04 11.70
CA GLU B 272 11.70 -38.60 12.94
C GLU B 272 10.59 -39.13 13.82
N SER B 273 9.43 -38.48 13.81
CA SER B 273 8.31 -38.93 14.61
C SER B 273 7.90 -40.36 14.19
N GLY B 274 8.26 -40.78 13.00
CA GLY B 274 7.90 -42.12 12.53
C GLY B 274 6.91 -41.99 11.37
N LYS B 275 6.21 -40.88 11.29
CA LYS B 275 5.26 -40.65 10.21
C LYS B 275 5.91 -40.87 8.85
N LYS B 276 5.11 -41.35 7.92
CA LYS B 276 5.58 -41.60 6.55
C LYS B 276 4.58 -40.91 5.62
N MET B 277 5.05 -40.26 4.56
CA MET B 277 4.17 -39.59 3.62
C MET B 277 4.86 -39.57 2.24
N ASP B 278 4.06 -39.55 1.20
CA ASP B 278 4.59 -39.51 -0.15
C ASP B 278 4.47 -38.10 -0.74
N PHE B 279 5.34 -37.75 -1.67
CA PHE B 279 5.33 -36.43 -2.31
C PHE B 279 6.06 -36.49 -3.66
N ASP B 280 5.68 -35.65 -4.60
CA ASP B 280 6.34 -35.66 -5.91
C ASP B 280 7.51 -34.70 -5.93
N LEU B 281 7.52 -33.78 -4.98
CA LEU B 281 8.58 -32.80 -4.84
C LEU B 281 8.93 -32.56 -3.38
N VAL B 282 10.22 -32.38 -3.13
CA VAL B 282 10.69 -32.12 -1.77
C VAL B 282 11.61 -30.91 -1.87
N MET B 283 11.11 -29.79 -1.34
CA MET B 283 11.91 -28.57 -1.38
C MET B 283 12.42 -28.23 0.01
N MET B 284 13.74 -28.12 0.10
CA MET B 284 14.39 -27.79 1.36
C MET B 284 14.65 -26.29 1.38
N ALA B 285 14.14 -25.61 2.40
CA ALA B 285 14.34 -24.17 2.55
C ALA B 285 14.59 -23.96 4.04
N ILE B 286 15.68 -24.54 4.54
CA ILE B 286 15.98 -24.42 5.96
C ILE B 286 17.06 -23.39 6.27
N GLY B 287 17.67 -22.80 5.25
CA GLY B 287 18.70 -21.80 5.55
C GLY B 287 19.57 -21.49 4.35
N ARG B 288 20.29 -20.38 4.49
CA ARG B 288 21.23 -19.91 3.48
C ARG B 288 22.53 -19.64 4.26
N SER B 289 23.65 -20.02 3.67
CA SER B 289 24.96 -19.85 4.28
C SER B 289 25.89 -19.05 3.36
N PRO B 290 26.70 -18.18 3.94
CA PRO B 290 27.66 -17.40 3.17
C PRO B 290 28.53 -18.31 2.31
N ARG B 291 28.78 -17.92 1.07
CA ARG B 291 29.61 -18.68 0.14
C ARG B 291 31.06 -18.21 0.30
N THR B 292 31.75 -18.89 1.22
CA THR B 292 33.13 -18.54 1.50
C THR B 292 34.16 -19.56 1.04
N LYS B 293 33.90 -20.84 1.29
CA LYS B 293 34.82 -21.89 0.92
C LYS B 293 35.55 -21.61 -0.39
N ASP B 294 34.89 -21.48 -1.52
CA ASP B 294 35.55 -21.21 -2.79
C ASP B 294 36.35 -19.93 -2.89
N LEU B 295 36.53 -19.11 -1.87
CA LEU B 295 37.28 -17.88 -2.04
C LEU B 295 38.74 -18.01 -1.62
N GLN B 296 39.08 -19.14 -1.00
CA GLN B 296 40.44 -19.41 -0.54
C GLN B 296 40.88 -18.40 0.53
N LEU B 297 39.92 -17.85 1.25
CA LEU B 297 40.21 -16.88 2.30
C LEU B 297 41.56 -17.09 2.96
N GLN B 298 41.91 -18.31 3.31
CA GLN B 298 43.18 -18.61 3.96
C GLN B 298 44.36 -17.93 3.30
N ASN B 299 44.37 -17.84 1.97
CA ASN B 299 45.46 -17.20 1.25
C ASN B 299 45.62 -15.73 1.54
N ALA B 300 45.05 -15.21 2.62
CA ALA B 300 45.18 -13.80 2.95
C ALA B 300 44.93 -13.56 4.43
N GLY B 301 44.59 -14.62 5.13
CA GLY B 301 44.33 -14.54 6.56
C GLY B 301 43.07 -13.75 6.89
N VAL B 302 42.00 -13.82 6.07
CA VAL B 302 40.79 -13.08 6.44
C VAL B 302 39.99 -14.00 7.38
N MET B 303 39.57 -13.49 8.52
CA MET B 303 38.82 -14.32 9.44
C MET B 303 37.36 -14.58 9.09
N ILE B 304 36.90 -15.71 9.59
CA ILE B 304 35.53 -16.20 9.42
C ILE B 304 34.95 -16.34 10.83
N LYS B 305 33.74 -15.84 11.07
CA LYS B 305 33.15 -15.93 12.39
C LYS B 305 32.14 -17.05 12.56
N ASN B 306 30.94 -16.86 12.03
CA ASN B 306 29.91 -17.90 12.15
C ASN B 306 29.53 -18.28 10.73
N GLY B 307 30.49 -18.94 10.09
CA GLY B 307 30.37 -19.37 8.71
C GLY B 307 30.54 -18.20 7.75
N GLY B 308 30.38 -16.97 8.22
CA GLY B 308 30.51 -15.81 7.36
C GLY B 308 31.77 -14.99 7.59
N VAL B 309 32.13 -14.19 6.58
CA VAL B 309 33.31 -13.36 6.65
C VAL B 309 33.16 -12.25 7.68
N GLN B 310 33.96 -12.34 8.73
CA GLN B 310 33.92 -11.33 9.79
C GLN B 310 34.26 -9.96 9.23
N VAL B 311 33.57 -8.96 9.74
CA VAL B 311 33.79 -7.57 9.36
C VAL B 311 33.47 -6.71 10.58
N ASP B 312 33.74 -5.42 10.44
CA ASP B 312 33.46 -4.49 11.52
C ASP B 312 32.36 -3.58 10.98
N GLU B 313 31.79 -2.74 11.83
CA GLU B 313 30.74 -1.83 11.43
C GLU B 313 30.99 -1.15 10.10
N TYR B 314 32.25 -0.96 9.72
CA TYR B 314 32.58 -0.32 8.46
C TYR B 314 32.73 -1.28 7.31
N SER B 315 32.49 -2.57 7.55
CA SER B 315 32.56 -3.61 6.54
C SER B 315 33.98 -4.05 6.18
N ARG B 316 34.89 -3.78 7.11
CA ARG B 316 36.30 -4.11 6.93
C ARG B 316 36.68 -5.43 7.56
N THR B 317 37.44 -6.27 6.86
CA THR B 317 37.86 -7.55 7.41
C THR B 317 39.02 -7.34 8.40
N ASN B 318 39.82 -8.37 8.66
CA ASN B 318 40.93 -8.21 9.59
C ASN B 318 42.22 -7.92 8.85
N VAL B 319 42.12 -7.86 7.52
CA VAL B 319 43.27 -7.60 6.65
C VAL B 319 42.99 -6.31 5.87
N SER B 320 43.60 -5.21 6.29
CA SER B 320 43.42 -3.90 5.65
C SER B 320 43.22 -4.10 4.16
N ASN B 321 42.40 -3.36 3.45
CA ASN B 321 42.20 -3.52 2.03
C ASN B 321 41.37 -4.69 1.54
N ILE B 322 40.81 -5.46 2.46
CA ILE B 322 39.92 -6.57 2.09
C ILE B 322 38.59 -6.29 2.80
N TYR B 323 37.57 -5.94 2.02
CA TYR B 323 36.25 -5.63 2.57
C TYR B 323 35.21 -6.66 2.15
N ALA B 324 34.17 -6.77 2.98
CA ALA B 324 33.09 -7.71 2.73
C ALA B 324 31.74 -7.07 3.02
N ILE B 325 30.82 -7.20 2.06
CA ILE B 325 29.48 -6.64 2.24
C ILE B 325 28.48 -7.69 1.77
N GLY B 326 27.20 -7.59 2.15
CA GLY B 326 26.18 -8.52 1.73
C GLY B 326 25.97 -9.80 2.52
N ASP B 327 25.25 -10.72 1.88
CA ASP B 327 24.94 -12.00 2.47
C ASP B 327 26.19 -12.64 3.07
N VAL B 328 27.31 -12.59 2.34
CA VAL B 328 28.57 -13.16 2.78
C VAL B 328 28.98 -12.82 4.20
N THR B 329 28.55 -11.67 4.70
CA THR B 329 28.86 -11.21 6.03
C THR B 329 27.80 -11.60 7.05
N ASN B 330 26.79 -12.36 6.66
CA ASN B 330 25.74 -12.80 7.56
C ASN B 330 25.16 -11.78 8.52
N ARG B 331 24.84 -10.55 8.10
CA ARG B 331 24.24 -9.58 9.01
C ARG B 331 22.72 -9.60 8.84
N VAL B 332 22.24 -8.96 7.79
CA VAL B 332 20.81 -8.91 7.46
C VAL B 332 20.70 -9.25 5.96
N MET B 333 20.26 -10.46 5.65
CA MET B 333 20.16 -10.87 4.26
C MET B 333 18.96 -10.35 3.51
N LEU B 334 19.08 -9.08 3.13
CA LEU B 334 18.06 -8.38 2.34
C LEU B 334 18.83 -7.60 1.27
N THR B 335 18.26 -7.56 0.09
CA THR B 335 18.88 -6.84 -1.03
C THR B 335 19.24 -5.41 -0.70
N PRO B 336 18.27 -4.61 -0.29
CA PRO B 336 18.52 -3.21 0.03
C PRO B 336 19.66 -3.05 1.02
N VAL B 337 19.77 -3.90 2.04
CA VAL B 337 20.88 -3.75 2.98
C VAL B 337 22.21 -3.90 2.24
N ALA B 338 22.26 -4.89 1.34
CA ALA B 338 23.49 -5.14 0.58
C ALA B 338 23.83 -3.87 -0.20
N ILE B 339 22.88 -3.42 -1.02
CA ILE B 339 23.11 -2.21 -1.80
C ILE B 339 23.60 -1.08 -0.93
N ASN B 340 22.97 -0.88 0.22
CA ASN B 340 23.37 0.18 1.14
C ASN B 340 24.77 0.03 1.72
N GLU B 341 25.17 -1.20 2.00
CA GLU B 341 26.49 -1.48 2.57
C GLU B 341 27.59 -1.12 1.58
N ALA B 342 27.30 -1.47 0.32
CA ALA B 342 28.24 -1.22 -0.75
C ALA B 342 28.54 0.27 -0.86
N ALA B 343 27.47 1.08 -0.92
CA ALA B 343 27.67 2.52 -1.03
C ALA B 343 28.43 3.06 0.17
N ALA B 344 28.05 2.66 1.38
CA ALA B 344 28.74 3.13 2.58
C ALA B 344 30.21 2.74 2.50
N LEU B 345 30.43 1.50 2.07
CA LEU B 345 31.78 0.95 1.93
C LEU B 345 32.61 1.86 1.02
N VAL B 346 32.15 1.92 -0.22
CA VAL B 346 32.83 2.72 -1.22
C VAL B 346 33.17 4.12 -0.73
N ASP B 347 32.21 4.80 -0.12
CA ASP B 347 32.48 6.15 0.39
C ASP B 347 33.62 6.09 1.41
N THR B 348 33.49 5.18 2.37
CA THR B 348 34.48 4.99 3.41
C THR B 348 35.89 4.70 2.91
N VAL B 349 36.01 4.13 1.72
CA VAL B 349 37.30 3.76 1.16
C VAL B 349 37.93 4.73 0.19
N PHE B 350 37.16 5.18 -0.80
CA PHE B 350 37.66 6.11 -1.80
C PHE B 350 37.05 7.50 -1.65
N GLY B 351 36.56 7.86 -0.48
CA GLY B 351 35.96 9.18 -0.32
C GLY B 351 36.45 9.86 0.94
N THR B 352 36.02 11.10 1.10
CA THR B 352 36.34 12.00 2.18
C THR B 352 35.79 11.67 3.56
N THR B 353 34.73 10.86 3.60
CA THR B 353 34.09 10.52 4.87
C THR B 353 33.71 9.05 5.00
N PRO B 354 34.05 8.48 6.15
CA PRO B 354 33.76 7.09 6.48
C PRO B 354 32.28 7.00 6.84
N ARG B 355 31.60 5.99 6.29
CA ARG B 355 30.17 5.85 6.56
C ARG B 355 29.74 4.39 6.62
N LYS B 356 28.89 4.11 7.60
CA LYS B 356 28.39 2.76 7.82
C LYS B 356 26.87 2.68 7.71
N THR B 357 26.36 1.47 7.57
CA THR B 357 24.92 1.22 7.44
C THR B 357 24.23 1.03 8.78
N ASP B 358 22.97 1.46 8.84
CA ASP B 358 22.20 1.29 10.08
C ASP B 358 21.35 0.03 9.85
N HIS B 359 21.76 -1.06 10.49
CA HIS B 359 21.05 -2.33 10.34
C HIS B 359 19.87 -2.42 11.27
N THR B 360 19.59 -1.35 12.02
CA THR B 360 18.44 -1.38 12.91
C THR B 360 17.26 -0.73 12.20
N ARG B 361 16.07 -1.07 12.69
CA ARG B 361 14.82 -0.53 12.19
C ARG B 361 14.59 -0.67 10.71
N VAL B 362 15.21 -1.65 10.08
CA VAL B 362 15.03 -1.88 8.65
C VAL B 362 13.68 -2.53 8.37
N ALA B 363 12.86 -1.89 7.55
CA ALA B 363 11.56 -2.49 7.22
C ALA B 363 11.84 -3.68 6.30
N SER B 364 10.88 -4.59 6.24
CA SER B 364 10.98 -5.77 5.40
C SER B 364 9.60 -6.39 5.30
N ALA B 365 9.43 -7.35 4.40
CA ALA B 365 8.14 -8.01 4.23
C ALA B 365 8.31 -9.49 3.92
N VAL B 366 7.19 -10.20 3.98
CA VAL B 366 7.13 -11.62 3.65
C VAL B 366 6.04 -11.65 2.57
N PHE B 367 6.35 -12.10 1.36
CA PHE B 367 5.31 -12.09 0.34
C PHE B 367 4.41 -13.32 0.32
N SER B 368 3.86 -13.65 1.48
CA SER B 368 2.96 -14.78 1.62
C SER B 368 1.58 -14.28 1.17
N ILE B 369 0.56 -15.11 1.23
CA ILE B 369 -0.78 -14.68 0.85
C ILE B 369 -1.68 -15.02 2.04
N PRO B 370 -2.04 -14.03 2.82
CA PRO B 370 -1.69 -12.65 2.64
C PRO B 370 -0.29 -12.33 3.13
N PRO B 371 0.26 -11.21 2.69
CA PRO B 371 1.60 -10.80 3.05
C PRO B 371 1.72 -10.14 4.42
N ILE B 372 3.00 -9.99 4.79
CA ILE B 372 3.36 -9.39 6.05
C ILE B 372 4.36 -8.26 5.81
N GLY B 373 4.25 -7.22 6.63
CA GLY B 373 5.15 -6.07 6.55
C GLY B 373 5.57 -5.77 7.99
N THR B 374 6.87 -5.50 8.16
CA THR B 374 7.33 -5.23 9.51
C THR B 374 8.52 -4.30 9.64
N CYS B 375 8.60 -3.69 10.83
CA CYS B 375 9.67 -2.76 11.14
C CYS B 375 9.86 -2.66 12.65
N GLY B 376 11.11 -2.76 13.11
CA GLY B 376 11.41 -2.66 14.52
C GLY B 376 11.24 -3.95 15.30
N LEU B 377 11.31 -3.84 16.62
CA LEU B 377 11.21 -4.94 17.55
C LEU B 377 9.89 -5.64 17.76
N ILE B 378 10.01 -6.96 17.99
CA ILE B 378 8.83 -7.78 18.28
C ILE B 378 8.66 -7.59 19.78
N GLU B 379 7.48 -7.75 20.35
CA GLU B 379 7.33 -7.52 21.78
C GLU B 379 8.36 -8.29 22.59
N GLU B 380 8.40 -9.60 22.41
CA GLU B 380 9.36 -10.43 23.14
C GLU B 380 10.75 -9.88 23.25
N VAL B 381 11.28 -9.09 22.32
CA VAL B 381 12.64 -8.58 22.50
C VAL B 381 12.57 -7.27 23.28
N ALA B 382 11.51 -6.53 22.95
CA ALA B 382 11.22 -5.23 23.52
C ALA B 382 11.12 -5.23 25.04
N SER B 383 10.36 -6.20 25.56
CA SER B 383 10.18 -6.31 26.99
C SER B 383 11.49 -6.71 27.67
N LYS B 384 12.53 -7.05 26.91
CA LYS B 384 13.79 -7.42 27.52
C LYS B 384 14.77 -6.27 27.54
N ARG B 385 14.56 -5.25 26.70
CA ARG B 385 15.47 -4.10 26.68
C ARG B 385 14.84 -2.89 27.37
N TYR B 386 13.52 -2.94 27.60
CA TYR B 386 12.82 -1.82 28.21
C TYR B 386 11.95 -2.27 29.38
N GLU B 387 11.88 -1.47 30.44
CA GLU B 387 11.08 -1.82 31.61
C GLU B 387 9.58 -1.65 31.40
N VAL B 388 9.18 -0.64 30.63
CA VAL B 388 7.78 -0.42 30.38
C VAL B 388 7.50 -0.31 28.88
N VAL B 389 6.81 -1.33 28.39
CA VAL B 389 6.47 -1.48 26.98
C VAL B 389 4.95 -1.54 26.81
N ALA B 390 4.41 -0.79 25.86
CA ALA B 390 2.96 -0.80 25.64
C ALA B 390 2.70 -1.46 24.28
N VAL B 391 1.70 -2.32 24.23
CA VAL B 391 1.35 -2.99 22.99
C VAL B 391 -0.03 -2.50 22.56
N TYR B 392 -0.10 -2.00 21.33
CA TYR B 392 -1.37 -1.51 20.78
C TYR B 392 -1.78 -2.53 19.73
N LEU B 393 -2.94 -3.16 19.88
CA LEU B 393 -3.32 -4.17 18.90
C LEU B 393 -4.66 -3.98 18.23
N SER B 394 -4.72 -4.22 16.92
CA SER B 394 -5.96 -4.07 16.17
C SER B 394 -6.16 -5.24 15.23
N SER B 395 -7.37 -5.77 15.19
CA SER B 395 -7.72 -6.90 14.35
C SER B 395 -9.12 -6.66 13.77
N PHE B 396 -9.24 -6.77 12.45
CA PHE B 396 -10.56 -6.56 11.86
C PHE B 396 -10.56 -7.19 10.48
N THR B 397 -11.76 -7.50 10.02
CA THR B 397 -11.94 -8.08 8.69
C THR B 397 -12.35 -6.89 7.82
N PRO B 398 -11.51 -6.52 6.88
CA PRO B 398 -11.81 -5.42 6.00
C PRO B 398 -13.14 -5.67 5.26
N LEU B 399 -13.84 -4.59 5.01
CA LEU B 399 -15.11 -4.51 4.30
C LEU B 399 -15.12 -5.42 3.07
N MET B 400 -14.16 -5.15 2.19
CA MET B 400 -14.03 -5.93 0.97
C MET B 400 -14.01 -7.42 1.28
N HIS B 401 -13.38 -7.87 2.36
CA HIS B 401 -13.41 -9.31 2.63
C HIS B 401 -14.75 -9.75 3.16
N LYS B 402 -15.52 -8.81 3.71
CA LYS B 402 -16.85 -9.15 4.21
C LYS B 402 -17.65 -9.57 2.97
N VAL B 403 -17.57 -8.77 1.92
CA VAL B 403 -18.27 -9.04 0.69
C VAL B 403 -17.60 -9.95 -0.31
N SER B 404 -16.31 -10.22 -0.28
CA SER B 404 -15.67 -11.09 -1.25
C SER B 404 -15.81 -12.58 -0.97
N GLY B 405 -16.28 -12.90 0.23
CA GLY B 405 -16.43 -14.29 0.63
C GLY B 405 -15.24 -14.73 1.46
N SER B 406 -14.11 -14.03 1.46
CA SER B 406 -12.98 -14.45 2.27
C SER B 406 -13.05 -13.88 3.69
N LYS B 407 -14.05 -14.31 4.46
CA LYS B 407 -14.23 -13.82 5.81
C LYS B 407 -13.09 -14.15 6.76
N TYR B 408 -12.27 -15.14 6.45
CA TYR B 408 -11.17 -15.50 7.33
C TYR B 408 -9.98 -14.55 7.21
N LYS B 409 -10.01 -13.64 6.23
CA LYS B 409 -8.92 -12.71 6.00
C LYS B 409 -8.86 -11.50 6.91
N THR B 410 -8.42 -11.72 8.13
CA THR B 410 -8.29 -10.68 9.14
C THR B 410 -7.02 -9.85 8.95
N PHE B 411 -7.19 -8.55 9.08
CA PHE B 411 -6.07 -7.62 8.98
C PHE B 411 -5.57 -7.42 10.41
N VAL B 412 -4.26 -7.44 10.59
CA VAL B 412 -3.69 -7.27 11.92
C VAL B 412 -2.67 -6.14 11.92
N ALA B 413 -2.88 -5.20 12.82
CA ALA B 413 -1.99 -4.06 12.97
C ALA B 413 -1.56 -4.04 14.44
N LYS B 414 -0.24 -3.99 14.61
CA LYS B 414 0.29 -3.99 15.98
C LYS B 414 1.43 -2.99 16.08
N ILE B 415 1.29 -2.17 17.11
CA ILE B 415 2.25 -1.13 17.45
C ILE B 415 2.77 -1.40 18.85
N ILE B 416 4.09 -1.35 18.95
CA ILE B 416 4.81 -1.60 20.20
C ILE B 416 5.62 -0.35 20.55
N THR B 417 5.48 0.14 21.78
CA THR B 417 6.22 1.32 22.19
C THR B 417 6.92 1.14 23.54
N ASN B 418 7.79 2.11 23.78
CA ASN B 418 8.52 2.21 25.05
C ASN B 418 7.55 3.14 25.82
N HIS B 419 6.74 2.55 26.70
CA HIS B 419 5.74 3.34 27.41
C HIS B 419 6.28 4.55 28.14
N SER B 420 7.54 4.55 28.56
CA SER B 420 8.06 5.71 29.27
C SER B 420 7.99 6.99 28.44
N ASP B 421 8.35 6.95 27.16
CA ASP B 421 8.32 8.16 26.36
C ASP B 421 7.42 8.18 25.14
N GLY B 422 6.72 7.09 24.83
CA GLY B 422 5.85 7.08 23.66
C GLY B 422 6.55 6.59 22.40
N THR B 423 7.87 6.54 22.38
CA THR B 423 8.60 6.10 21.19
C THR B 423 8.07 4.78 20.65
N VAL B 424 8.02 4.69 19.32
CA VAL B 424 7.54 3.51 18.62
C VAL B 424 8.72 2.59 18.30
N LEU B 425 8.70 1.38 18.85
CA LEU B 425 9.75 0.39 18.68
C LEU B 425 9.55 -0.60 17.55
N GLY B 426 8.30 -0.81 17.15
CA GLY B 426 8.00 -1.75 16.08
C GLY B 426 6.55 -1.67 15.67
N VAL B 427 6.31 -1.87 14.38
CA VAL B 427 5.00 -1.87 13.78
C VAL B 427 4.96 -3.15 12.93
N HIS B 428 3.93 -3.94 13.16
CA HIS B 428 3.77 -5.21 12.43
C HIS B 428 2.36 -5.30 11.86
N LEU B 429 2.27 -5.59 10.56
CA LEU B 429 1.00 -5.73 9.86
C LEU B 429 0.89 -7.08 9.15
N LEU B 430 -0.34 -7.54 9.00
CA LEU B 430 -0.70 -8.76 8.29
C LEU B 430 -1.93 -8.39 7.45
N GLY B 431 -1.93 -8.67 6.16
CA GLY B 431 -3.09 -8.32 5.34
C GLY B 431 -2.66 -7.68 4.03
N ASP B 432 -3.55 -7.68 3.04
CA ASP B 432 -3.26 -7.10 1.74
C ASP B 432 -2.58 -5.74 1.79
N ASN B 433 -1.56 -5.63 0.94
CA ASN B 433 -0.79 -4.42 0.76
C ASN B 433 0.21 -4.09 1.85
N ALA B 434 0.31 -4.94 2.87
CA ALA B 434 1.23 -4.70 3.96
C ALA B 434 2.62 -4.25 3.55
N PRO B 435 3.24 -4.92 2.59
CA PRO B 435 4.58 -4.58 2.15
C PRO B 435 4.66 -3.12 1.73
N GLU B 436 3.62 -2.70 1.01
CA GLU B 436 3.56 -1.31 0.55
C GLU B 436 3.36 -0.34 1.69
N ILE B 437 2.48 -0.65 2.64
CA ILE B 437 2.23 0.24 3.77
C ILE B 437 3.44 0.44 4.66
N ILE B 438 4.15 -0.62 5.00
CA ILE B 438 5.31 -0.52 5.87
C ILE B 438 6.40 0.45 5.46
N GLN B 439 6.58 0.79 4.19
CA GLN B 439 7.63 1.69 3.79
C GLN B 439 7.79 3.06 4.41
N GLY B 440 6.76 3.91 4.37
CA GLY B 440 6.86 5.26 4.93
C GLY B 440 7.05 5.19 6.45
N ILE B 441 6.42 4.15 6.96
CA ILE B 441 6.46 3.85 8.39
C ILE B 441 7.90 3.51 8.75
N GLY B 442 8.65 3.02 7.76
CA GLY B 442 10.07 2.72 8.01
C GLY B 442 10.74 4.08 8.24
N ILE B 443 10.34 5.06 7.42
CA ILE B 443 10.87 6.41 7.57
C ILE B 443 10.44 6.95 8.94
N CYS B 444 9.20 6.68 9.33
CA CYS B 444 8.73 7.17 10.63
C CYS B 444 9.68 6.75 11.75
N LEU B 445 10.05 5.49 11.84
CA LEU B 445 10.96 5.06 12.90
C LEU B 445 12.36 5.62 12.74
N LYS B 446 12.79 6.07 11.56
CA LYS B 446 14.14 6.63 11.46
C LYS B 446 14.10 8.03 12.09
N LEU B 447 12.90 8.60 12.13
CA LEU B 447 12.64 9.92 12.67
C LEU B 447 12.22 9.90 14.12
N ASN B 448 12.39 8.73 14.74
CA ASN B 448 12.03 8.57 16.14
C ASN B 448 10.62 9.03 16.44
N ALA B 449 9.68 8.60 15.60
CA ALA B 449 8.28 8.96 15.78
C ALA B 449 7.75 8.36 17.07
N LYS B 450 6.72 8.94 17.66
CA LYS B 450 6.17 8.37 18.89
C LYS B 450 4.69 8.13 18.60
N ILE B 451 4.06 7.23 19.33
CA ILE B 451 2.67 6.91 19.11
C ILE B 451 1.75 8.09 18.84
N SER B 452 1.89 9.19 19.56
CA SER B 452 1.03 10.35 19.34
C SER B 452 1.21 10.92 17.95
N ASP B 453 2.43 10.84 17.41
CA ASP B 453 2.66 11.36 16.06
C ASP B 453 1.77 10.57 15.10
N PHE B 454 1.50 9.30 15.42
CA PHE B 454 0.64 8.50 14.55
C PHE B 454 -0.81 8.96 14.70
N TYR B 455 -1.39 8.77 15.89
CA TYR B 455 -2.76 9.17 16.13
C TYR B 455 -3.05 10.65 15.98
N ASN B 456 -2.05 11.51 15.82
CA ASN B 456 -2.35 12.93 15.62
C ASN B 456 -2.37 13.18 14.11
N THR B 457 -2.10 12.15 13.34
CA THR B 457 -2.09 12.27 11.88
C THR B 457 -3.49 12.00 11.37
N ILE B 458 -3.94 12.75 10.36
CA ILE B 458 -5.28 12.53 9.84
C ILE B 458 -5.24 11.36 8.86
N GLY B 459 -6.19 10.44 9.02
CA GLY B 459 -6.21 9.28 8.15
C GLY B 459 -6.68 9.54 6.73
N VAL B 460 -6.26 8.61 5.87
CA VAL B 460 -6.63 8.58 4.45
C VAL B 460 -7.76 7.54 4.48
N HIS B 461 -8.95 7.96 4.09
CA HIS B 461 -10.09 7.06 4.13
C HIS B 461 -10.79 6.91 2.79
N PRO B 462 -11.19 5.69 2.49
CA PRO B 462 -11.00 4.52 3.33
C PRO B 462 -9.84 3.66 2.88
N THR B 463 -9.00 3.22 3.80
CA THR B 463 -7.84 2.39 3.49
C THR B 463 -7.56 1.48 4.69
N SER B 464 -6.69 0.48 4.55
CA SER B 464 -6.41 -0.34 5.73
C SER B 464 -5.42 0.44 6.62
N ALA B 465 -4.46 1.08 5.97
CA ALA B 465 -3.41 1.83 6.61
C ALA B 465 -3.87 2.82 7.67
N GLU B 466 -5.02 3.44 7.43
CA GLU B 466 -5.57 4.40 8.37
C GLU B 466 -5.75 3.81 9.75
N GLU B 467 -5.75 2.49 9.89
CA GLU B 467 -5.89 1.90 11.23
C GLU B 467 -4.72 2.37 12.07
N LEU B 468 -3.51 2.35 11.49
CA LEU B 468 -2.32 2.78 12.19
C LEU B 468 -2.46 4.15 12.83
N CYS B 469 -3.29 5.03 12.27
CA CYS B 469 -3.44 6.37 12.84
C CYS B 469 -4.60 6.45 13.83
N SER B 470 -5.12 5.32 14.26
CA SER B 470 -6.24 5.38 15.18
C SER B 470 -6.17 4.37 16.32
N MET B 471 -4.96 4.17 16.83
CA MET B 471 -4.73 3.26 17.96
C MET B 471 -4.23 4.18 19.08
N ARG B 472 -5.06 4.50 20.06
CA ARG B 472 -4.65 5.43 21.10
C ARG B 472 -4.42 4.84 22.48
N THR B 473 -5.07 3.73 22.77
CA THR B 473 -5.00 3.04 24.06
C THR B 473 -4.43 1.63 23.91
N PRO B 474 -3.34 1.34 24.60
CA PRO B 474 -2.73 0.03 24.54
C PRO B 474 -3.71 -1.02 25.05
N SER B 475 -3.50 -2.23 24.55
CA SER B 475 -4.31 -3.37 24.95
C SER B 475 -3.66 -3.97 26.19
N TYR B 476 -2.34 -3.92 26.29
CA TYR B 476 -1.66 -4.47 27.45
C TYR B 476 -0.23 -3.96 27.53
N TYR B 477 0.44 -4.22 28.64
CA TYR B 477 1.80 -3.72 28.83
C TYR B 477 2.70 -4.86 29.30
N TYR B 478 3.98 -4.54 29.32
CA TYR B 478 4.97 -5.48 29.81
C TYR B 478 5.76 -4.65 30.83
N VAL B 479 5.69 -5.07 32.08
CA VAL B 479 6.43 -4.33 33.10
C VAL B 479 7.52 -5.31 33.53
N LYS B 480 8.76 -4.95 33.21
CA LYS B 480 9.89 -5.84 33.50
C LYS B 480 9.53 -7.26 33.11
N GLY B 481 9.24 -7.46 31.82
CA GLY B 481 8.88 -8.73 31.26
C GLY B 481 7.55 -9.33 31.70
N GLU B 482 6.84 -8.76 32.67
CA GLU B 482 5.57 -9.35 33.07
C GLU B 482 4.42 -8.63 32.35
N LYS B 483 3.35 -9.34 32.04
CA LYS B 483 2.22 -8.76 31.35
C LYS B 483 1.21 -8.14 32.30
N MET B 484 0.93 -6.85 32.14
CA MET B 484 -0.04 -6.20 33.04
C MET B 484 -1.17 -5.61 32.23
N GLU B 485 -2.27 -5.26 32.89
CA GLU B 485 -3.43 -4.68 32.21
C GLU B 485 -4.07 -3.61 33.09
N LYS B 486 -4.89 -2.73 32.53
CA LYS B 486 -5.54 -1.68 33.32
C LYS B 486 -6.91 -2.18 33.78
N PRO B 487 -7.06 -2.26 35.13
CA PRO B 487 -8.33 -2.72 35.67
C PRO B 487 -9.48 -1.90 35.10
N SER B 488 -9.31 -0.68 34.93
#